data_7SZD
#
_entry.id   7SZD
#
_cell.length_a   65.578
_cell.length_b   79.038
_cell.length_c   100.889
_cell.angle_alpha   90.000
_cell.angle_beta   105.614
_cell.angle_gamma   90.000
#
_symmetry.space_group_name_H-M   'P 1 21 1'
#
loop_
_entity.id
_entity.type
_entity.pdbx_description
1 polymer 'EKC/KEOPS complex subunit TP53RK'
2 polymer 'EKC/KEOPS complex subunit TPRKB'
3 non-polymer '2-[(3R)-3-methyl-2,6-dioxopiperidin-3-yl]-1,3-dioxo-2,3-dihydro-1H-isoindole-5-carboxylic acid'
4 water water
#
loop_
_entity_poly.entity_id
_entity_poly.type
_entity_poly.pdbx_seq_one_letter_code
_entity_poly.pdbx_strand_id
1 'polypeptide(L)'
;GPMAAARATTPADGEEPAPEAEALAAARERSSRFLSGLELVKQGAEARVFRGRFQGRAAVIKHRFPKGYRHPALEARLGR
RRTVQEARALLRCRRAGISAPVVFFVDYASNCLYMEEIEGSVTVRDYIQSTMETEKTPQGLSNLAKTIGQVLARMHDEDL
IHGDLTTSNMLLKPPLEQLNIVLIDFGLSFISALPEDKGVDLYVLEKAFLSTHPNTETVFEAFLKSYSTSSKKARPVLKK
LDEVRLRGRKRSMVG
;
A,C
2 'polypeptide(L)'
;GPHMQLTHQLDLFPECRVTLLLFKDVKNAGDLRRKAMEGTIDGSLINPTVIVDPFQILVAANKAVHLYKLGKMKTRTLST
EIIFNLSPNNNISEALKKFGISANDTSILIVYIEEGEKQINQEYLISQVEGHQVSLKNLPEIMNITEVKKIYKLSSQEES
IGTLLDAIICRMSTKDVL
;
B,D
#
loop_
_chem_comp.id
_chem_comp.type
_chem_comp.name
_chem_comp.formula
DVO non-polymer '2-[(3R)-3-methyl-2,6-dioxopiperidin-3-yl]-1,3-dioxo-2,3-dihydro-1H-isoindole-5-carboxylic acid' 'C15 H12 N2 O6'
#
# COMPACT_ATOMS: atom_id res chain seq x y z
N GLU A 20 7.05 -7.20 -44.46
CA GLU A 20 8.09 -7.25 -43.43
C GLU A 20 9.21 -6.32 -43.80
N ALA A 21 9.65 -6.40 -45.05
CA ALA A 21 10.74 -5.54 -45.49
C ALA A 21 10.33 -4.07 -45.48
N GLU A 22 9.04 -3.78 -45.71
CA GLU A 22 8.58 -2.39 -45.70
C GLU A 22 8.28 -1.91 -44.29
N ALA A 23 7.65 -2.77 -43.48
CA ALA A 23 7.31 -2.41 -42.10
C ALA A 23 8.54 -2.14 -41.27
N LEU A 24 9.63 -2.86 -41.53
CA LEU A 24 10.83 -2.66 -40.75
C LEU A 24 11.44 -1.30 -41.05
N ALA A 25 11.43 -0.89 -42.32
CA ALA A 25 11.90 0.45 -42.59
C ALA A 25 11.13 1.47 -41.79
N ALA A 26 9.81 1.23 -41.60
CA ALA A 26 9.04 2.16 -40.79
C ALA A 26 9.51 2.16 -39.33
N ALA A 27 9.84 1.00 -38.76
CA ALA A 27 10.16 0.95 -37.34
C ALA A 27 11.47 1.65 -37.00
N ARG A 28 12.40 1.71 -37.95
CA ARG A 28 13.68 2.39 -37.80
C ARG A 28 13.55 3.88 -38.09
N GLU A 29 12.40 4.29 -38.61
CA GLU A 29 12.07 5.61 -39.11
C GLU A 29 11.39 6.40 -38.01
N ARG A 30 10.62 5.70 -37.15
CA ARG A 30 10.15 6.25 -35.87
C ARG A 30 11.29 6.50 -34.91
N SER A 31 12.13 5.47 -34.72
CA SER A 31 13.40 5.58 -34.03
C SER A 31 14.14 6.88 -34.35
N SER A 32 14.51 7.08 -35.63
CA SER A 32 15.30 8.24 -36.01
C SER A 32 14.55 9.52 -35.65
N ARG A 33 13.26 9.57 -36.00
CA ARG A 33 12.42 10.70 -35.59
C ARG A 33 12.46 10.91 -34.07
N PHE A 34 12.33 9.83 -33.30
CA PHE A 34 12.24 10.02 -31.86
C PHE A 34 13.51 10.67 -31.32
N LEU A 35 14.67 10.22 -31.81
CA LEU A 35 15.93 10.75 -31.33
C LEU A 35 16.27 12.10 -31.95
N SER A 36 15.52 12.56 -32.94
CA SER A 36 15.74 13.88 -33.53
C SER A 36 15.92 14.97 -32.47
N GLY A 37 14.94 15.11 -31.56
CA GLY A 37 14.97 16.15 -30.55
C GLY A 37 15.50 15.77 -29.18
N LEU A 38 16.63 15.06 -29.10
CA LEU A 38 17.19 14.65 -27.82
C LEU A 38 18.65 15.09 -27.71
N GLU A 39 19.07 15.35 -26.47
CA GLU A 39 20.43 15.81 -26.20
C GLU A 39 21.39 14.62 -26.28
N LEU A 40 22.49 14.79 -27.00
CA LEU A 40 23.47 13.74 -27.18
C LEU A 40 24.49 13.82 -26.06
N VAL A 41 24.67 12.72 -25.32
CA VAL A 41 25.48 12.73 -24.11
C VAL A 41 26.75 11.90 -24.25
N LYS A 42 26.75 10.84 -25.05
CA LYS A 42 27.92 10.00 -25.21
C LYS A 42 27.97 9.58 -26.67
N GLN A 43 29.15 9.63 -27.28
CA GLN A 43 29.31 9.22 -28.67
C GLN A 43 30.56 8.38 -28.83
N GLY A 44 30.43 7.28 -29.54
CA GLY A 44 31.55 6.38 -29.74
C GLY A 44 31.61 5.90 -31.17
N ALA A 45 32.56 4.99 -31.42
CA ALA A 45 32.68 4.38 -32.73
C ALA A 45 31.48 3.51 -33.05
N GLU A 46 30.88 2.89 -32.03
CA GLU A 46 29.78 1.97 -32.25
C GLU A 46 28.43 2.51 -31.84
N ALA A 47 28.38 3.46 -30.89
CA ALA A 47 27.12 3.80 -30.24
C ALA A 47 27.02 5.28 -29.93
N ARG A 48 25.80 5.81 -30.10
CA ARG A 48 25.42 7.15 -29.66
C ARG A 48 24.39 7.02 -28.54
N VAL A 49 24.48 7.89 -27.55
CA VAL A 49 23.65 7.81 -26.35
C VAL A 49 22.92 9.13 -26.20
N PHE A 50 21.60 9.10 -26.30
CA PHE A 50 20.78 10.30 -26.20
C PHE A 50 20.07 10.32 -24.86
N ARG A 51 19.86 11.53 -24.33
CA ARG A 51 19.23 11.71 -23.03
C ARG A 51 17.82 12.26 -23.25
N GLY A 52 16.86 11.68 -22.54
CA GLY A 52 15.47 12.06 -22.72
C GLY A 52 14.61 11.50 -21.61
N ARG A 53 13.32 11.37 -21.90
CA ARG A 53 12.34 10.82 -20.98
C ARG A 53 11.53 9.75 -21.71
N PHE A 54 11.22 8.66 -21.00
CA PHE A 54 10.50 7.52 -21.57
C PHE A 54 9.30 7.20 -20.69
N GLN A 55 8.10 7.51 -21.17
CA GLN A 55 6.87 7.30 -20.41
C GLN A 55 6.98 7.85 -18.98
N GLY A 56 7.43 9.10 -18.88
CA GLY A 56 7.45 9.82 -17.62
C GLY A 56 8.66 9.55 -16.76
N ARG A 57 9.53 8.62 -17.14
CA ARG A 57 10.75 8.35 -16.39
C ARG A 57 11.97 8.96 -17.09
N ALA A 58 12.94 9.37 -16.29
CA ALA A 58 14.21 9.84 -16.82
C ALA A 58 14.95 8.69 -17.48
N ALA A 59 15.15 8.76 -18.79
CA ALA A 59 15.74 7.65 -19.53
C ALA A 59 16.89 8.11 -20.41
N VAL A 60 17.67 7.13 -20.86
CA VAL A 60 18.77 7.36 -21.78
C VAL A 60 18.72 6.25 -22.81
N ILE A 61 18.91 6.61 -24.09
CA ILE A 61 18.70 5.68 -25.19
C ILE A 61 20.01 5.49 -25.91
N LYS A 62 20.46 4.23 -26.02
CA LYS A 62 21.75 3.92 -26.61
C LYS A 62 21.54 3.27 -27.97
N HIS A 63 21.74 4.05 -29.03
CA HIS A 63 21.62 3.62 -30.41
C HIS A 63 22.97 3.11 -30.89
N ARG A 64 22.99 1.92 -31.48
CA ARG A 64 24.20 1.41 -32.13
C ARG A 64 23.99 1.55 -33.62
N PHE A 65 24.46 2.67 -34.15
CA PHE A 65 24.08 3.14 -35.47
C PHE A 65 24.85 2.39 -36.55
N PRO A 66 24.26 2.24 -37.73
CA PRO A 66 25.00 1.65 -38.86
C PRO A 66 25.87 2.69 -39.54
N LYS A 67 26.99 2.21 -40.06
CA LYS A 67 27.92 3.03 -40.81
C LYS A 67 27.93 2.58 -42.26
N GLY A 68 27.75 3.53 -43.18
CA GLY A 68 27.69 3.20 -44.59
C GLY A 68 28.95 2.56 -45.15
N TYR A 69 29.89 2.22 -44.27
CA TYR A 69 31.25 1.90 -44.70
C TYR A 69 31.45 0.42 -44.99
N ARG A 70 30.53 -0.43 -44.55
CA ARG A 70 30.74 -1.86 -44.69
C ARG A 70 29.44 -2.57 -45.01
N HIS A 71 29.53 -3.90 -45.18
CA HIS A 71 28.44 -4.69 -45.78
C HIS A 71 27.27 -4.73 -44.81
N PRO A 72 26.10 -4.25 -45.19
CA PRO A 72 24.98 -4.16 -44.23
C PRO A 72 24.54 -5.51 -43.69
N ALA A 73 25.15 -6.59 -44.21
CA ALA A 73 24.96 -7.92 -43.64
C ALA A 73 25.78 -8.10 -42.37
N LEU A 74 27.05 -7.70 -42.42
CA LEU A 74 27.90 -7.82 -41.23
C LEU A 74 27.52 -6.78 -40.19
N GLU A 75 27.20 -5.57 -40.63
CA GLU A 75 26.85 -4.51 -39.68
C GLU A 75 25.56 -4.83 -38.96
N ALA A 76 24.66 -5.55 -39.62
CA ALA A 76 23.40 -5.92 -39.00
C ALA A 76 23.63 -6.70 -37.72
N ARG A 77 24.40 -7.79 -37.79
CA ARG A 77 24.63 -8.61 -36.62
C ARG A 77 25.51 -7.92 -35.59
N LEU A 78 26.33 -6.95 -36.00
CA LEU A 78 27.20 -6.34 -35.01
C LEU A 78 26.38 -5.46 -34.07
N GLY A 79 25.40 -4.73 -34.59
CA GLY A 79 24.52 -3.99 -33.71
C GLY A 79 23.72 -4.94 -32.83
N ARG A 80 23.17 -6.00 -33.43
CA ARG A 80 22.32 -6.91 -32.67
C ARG A 80 23.07 -7.55 -31.52
N ARG A 81 24.30 -8.04 -31.77
CA ARG A 81 25.00 -8.76 -30.70
C ARG A 81 25.30 -7.83 -29.55
N ARG A 82 25.84 -6.63 -29.83
CA ARG A 82 26.14 -5.73 -28.73
C ARG A 82 24.90 -5.41 -27.93
N THR A 83 23.78 -5.16 -28.62
CA THR A 83 22.53 -4.84 -27.91
C THR A 83 22.01 -6.05 -27.16
N VAL A 84 21.96 -7.20 -27.82
CA VAL A 84 21.53 -8.40 -27.13
C VAL A 84 22.43 -8.65 -25.93
N GLN A 85 23.74 -8.49 -26.08
CA GLN A 85 24.63 -8.82 -24.98
C GLN A 85 24.54 -7.81 -23.86
N GLU A 86 24.29 -6.55 -24.17
CA GLU A 86 24.10 -5.57 -23.11
C GLU A 86 22.80 -5.83 -22.37
N ALA A 87 21.72 -6.14 -23.12
CA ALA A 87 20.44 -6.43 -22.48
C ALA A 87 20.52 -7.59 -21.49
N ARG A 88 21.15 -8.72 -21.85
CA ARG A 88 21.22 -9.78 -20.86
C ARG A 88 22.20 -9.45 -19.75
N ALA A 89 23.19 -8.65 -20.02
CA ALA A 89 24.14 -8.34 -18.99
C ALA A 89 23.52 -7.46 -17.91
N LEU A 90 22.68 -6.50 -18.31
CA LEU A 90 22.05 -5.65 -17.32
C LEU A 90 20.98 -6.40 -16.55
N LEU A 91 20.30 -7.37 -17.17
CA LEU A 91 19.39 -8.23 -16.40
C LEU A 91 20.15 -9.03 -15.36
N ARG A 92 21.29 -9.61 -15.77
CA ARG A 92 22.10 -10.45 -14.90
C ARG A 92 22.62 -9.71 -13.66
N CYS A 93 22.82 -8.39 -13.79
CA CYS A 93 23.34 -7.57 -12.71
C CYS A 93 22.26 -7.09 -11.78
N ARG A 94 21.06 -6.86 -12.33
CA ARG A 94 19.93 -6.51 -11.50
C ARG A 94 19.54 -7.69 -10.62
N ARG A 95 19.55 -8.91 -11.16
CA ARG A 95 19.17 -10.06 -10.36
C ARG A 95 20.26 -10.49 -9.41
N ALA A 96 21.37 -9.78 -9.37
CA ALA A 96 22.52 -10.15 -8.57
C ALA A 96 22.92 -9.09 -7.58
N GLY A 97 22.16 -8.01 -7.49
CA GLY A 97 22.58 -6.99 -6.57
C GLY A 97 23.76 -6.21 -7.06
N ILE A 98 24.13 -6.37 -8.33
CA ILE A 98 25.15 -5.54 -8.95
C ILE A 98 24.44 -4.32 -9.52
N SER A 99 24.83 -3.13 -9.10
CA SER A 99 24.04 -1.98 -9.52
C SER A 99 24.47 -1.56 -10.92
N ALA A 100 23.48 -1.25 -11.75
CA ALA A 100 23.63 -1.01 -13.18
C ALA A 100 22.29 -0.50 -13.70
N PRO A 101 22.25 0.18 -14.84
CA PRO A 101 20.99 0.82 -15.23
C PRO A 101 19.89 -0.22 -15.40
N VAL A 102 18.64 0.17 -15.13
CA VAL A 102 17.48 -0.65 -15.47
C VAL A 102 17.19 -0.50 -16.97
N VAL A 103 16.84 -1.58 -17.66
CA VAL A 103 16.49 -1.49 -19.08
C VAL A 103 14.97 -1.46 -19.20
N PHE A 104 14.46 -0.47 -19.93
CA PHE A 104 13.03 -0.27 -20.11
C PHE A 104 12.50 -0.93 -21.37
N PHE A 105 13.25 -0.85 -22.46
CA PHE A 105 12.78 -1.36 -23.76
C PHE A 105 14.01 -1.58 -24.62
N VAL A 106 13.97 -2.62 -25.43
CA VAL A 106 15.06 -2.94 -26.35
C VAL A 106 14.47 -3.14 -27.74
N ASP A 107 14.80 -2.23 -28.66
CA ASP A 107 14.28 -2.23 -30.03
C ASP A 107 15.29 -2.98 -30.88
N TYR A 108 14.99 -4.22 -31.26
CA TYR A 108 15.94 -4.97 -32.06
C TYR A 108 15.81 -4.68 -33.56
N ALA A 109 14.87 -3.83 -33.95
CA ALA A 109 14.85 -3.38 -35.33
C ALA A 109 15.90 -2.31 -35.57
N SER A 110 16.11 -1.43 -34.60
CA SER A 110 17.04 -0.30 -34.74
C SER A 110 18.28 -0.42 -33.87
N ASN A 111 18.37 -1.47 -33.06
CA ASN A 111 19.44 -1.62 -32.08
C ASN A 111 19.53 -0.38 -31.16
N CYS A 112 18.39 -0.01 -30.60
CA CYS A 112 18.34 0.99 -29.54
C CYS A 112 17.96 0.32 -28.24
N LEU A 113 18.41 0.92 -27.14
CA LEU A 113 18.36 0.33 -25.82
C LEU A 113 17.90 1.44 -24.90
N TYR A 114 16.66 1.34 -24.42
CA TYR A 114 16.09 2.37 -23.57
C TYR A 114 16.33 1.97 -22.14
N MET A 115 17.09 2.77 -21.41
CA MET A 115 17.45 2.41 -20.05
C MET A 115 17.29 3.63 -19.15
N GLU A 116 17.31 3.38 -17.84
CA GLU A 116 17.17 4.42 -16.85
C GLU A 116 18.40 5.32 -16.85
N GLU A 117 18.17 6.64 -16.83
CA GLU A 117 19.27 7.58 -16.71
C GLU A 117 19.79 7.55 -15.28
N ILE A 118 21.11 7.60 -15.10
CA ILE A 118 21.70 7.66 -13.77
C ILE A 118 21.87 9.13 -13.44
N GLU A 119 20.81 9.72 -12.87
CA GLU A 119 20.72 11.18 -12.78
C GLU A 119 21.77 11.72 -11.83
N GLY A 120 22.33 12.87 -12.22
CA GLY A 120 23.26 13.60 -11.37
C GLY A 120 24.53 12.87 -11.02
N SER A 121 25.01 11.98 -11.88
CA SER A 121 26.19 11.19 -11.56
C SER A 121 27.37 11.72 -12.34
N VAL A 122 28.54 11.30 -11.89
CA VAL A 122 29.79 11.69 -12.51
C VAL A 122 30.64 10.44 -12.64
N THR A 123 31.42 10.37 -13.71
CA THR A 123 32.22 9.19 -13.92
C THR A 123 33.32 9.10 -12.88
N VAL A 124 33.81 7.89 -12.66
CA VAL A 124 34.97 7.73 -11.78
C VAL A 124 36.19 8.42 -12.37
N ARG A 125 36.25 8.55 -13.70
CA ARG A 125 37.42 9.19 -14.29
C ARG A 125 37.46 10.65 -13.91
N ASP A 126 36.32 11.31 -13.84
CA ASP A 126 36.40 12.70 -13.44
C ASP A 126 36.32 12.87 -11.94
N TYR A 127 36.03 11.80 -11.22
CA TYR A 127 36.16 11.85 -9.77
C TYR A 127 37.60 11.66 -9.36
N ILE A 128 38.45 11.21 -10.26
CA ILE A 128 39.85 10.95 -9.92
C ILE A 128 40.81 11.97 -10.52
N GLN A 129 40.40 12.75 -11.51
CA GLN A 129 41.22 13.89 -11.91
C GLN A 129 40.62 15.16 -11.40
N SER A 130 39.61 15.02 -10.56
CA SER A 130 39.11 16.07 -9.70
C SER A 130 39.60 15.95 -8.26
N THR A 131 39.88 14.73 -7.78
CA THR A 131 40.44 14.57 -6.44
C THR A 131 41.95 14.68 -6.42
N MET A 132 42.61 14.50 -7.56
CA MET A 132 44.05 14.59 -7.59
C MET A 132 44.54 15.93 -8.11
N GLU A 133 43.65 16.90 -8.30
CA GLU A 133 44.09 18.25 -8.57
C GLU A 133 43.94 19.14 -7.35
N THR A 134 43.16 18.69 -6.36
CA THR A 134 42.98 19.38 -5.09
C THR A 134 43.68 18.67 -3.93
N GLU A 135 43.55 17.34 -3.84
CA GLU A 135 44.26 16.64 -2.78
C GLU A 135 45.75 16.55 -3.09
N LYS A 136 46.12 16.54 -4.38
CA LYS A 136 47.49 16.49 -4.90
C LYS A 136 48.21 15.18 -4.63
N THR A 137 47.52 14.15 -4.13
CA THR A 137 48.13 12.88 -3.77
C THR A 137 47.12 11.77 -4.01
N PRO A 138 47.56 10.58 -4.42
CA PRO A 138 46.60 9.47 -4.55
C PRO A 138 46.26 8.84 -3.22
N GLN A 139 46.83 9.33 -2.11
CA GLN A 139 46.53 8.74 -0.81
C GLN A 139 45.06 8.87 -0.44
N GLY A 140 44.34 9.82 -1.08
CA GLY A 140 42.95 10.03 -0.79
C GLY A 140 41.97 9.12 -1.50
N LEU A 141 42.44 8.20 -2.35
CA LEU A 141 41.56 7.42 -3.21
C LEU A 141 41.38 5.96 -2.76
N SER A 142 41.81 5.61 -1.55
CA SER A 142 41.76 4.20 -1.21
C SER A 142 40.37 3.73 -0.81
N ASN A 143 39.50 4.62 -0.34
CA ASN A 143 38.11 4.22 -0.16
C ASN A 143 37.46 3.90 -1.50
N LEU A 144 37.64 4.78 -2.48
CA LEU A 144 37.08 4.49 -3.78
C LEU A 144 37.64 3.19 -4.34
N ALA A 145 38.94 2.97 -4.18
CA ALA A 145 39.50 1.70 -4.63
C ALA A 145 38.88 0.54 -3.87
N LYS A 146 38.70 0.68 -2.56
CA LYS A 146 38.08 -0.38 -1.77
C LYS A 146 36.74 -0.77 -2.36
N THR A 147 35.89 0.21 -2.64
CA THR A 147 34.54 -0.11 -3.10
C THR A 147 34.57 -0.69 -4.51
N ILE A 148 35.46 -0.20 -5.37
CA ILE A 148 35.60 -0.79 -6.71
C ILE A 148 35.98 -2.26 -6.60
N GLY A 149 36.91 -2.59 -5.70
CA GLY A 149 37.24 -3.98 -5.49
C GLY A 149 36.01 -4.79 -5.09
N GLN A 150 35.16 -4.20 -4.25
CA GLN A 150 33.96 -4.92 -3.83
C GLN A 150 32.97 -5.05 -4.97
N VAL A 151 32.87 -4.02 -5.82
CA VAL A 151 31.84 -4.09 -6.87
C VAL A 151 32.22 -5.12 -7.93
N LEU A 152 33.46 -5.07 -8.42
CA LEU A 152 33.89 -6.03 -9.45
C LEU A 152 34.08 -7.44 -8.92
N ALA A 153 34.28 -7.59 -7.61
CA ALA A 153 34.38 -8.94 -7.06
C ALA A 153 33.03 -9.65 -7.13
N ARG A 154 31.97 -8.97 -6.72
CA ARG A 154 30.69 -9.65 -6.77
C ARG A 154 30.20 -9.76 -8.20
N MET A 155 30.63 -8.87 -9.09
CA MET A 155 30.31 -9.07 -10.49
C MET A 155 30.98 -10.33 -11.00
N HIS A 156 32.31 -10.41 -10.88
CA HIS A 156 33.02 -11.58 -11.37
C HIS A 156 32.56 -12.85 -10.66
N ASP A 157 32.13 -12.75 -9.41
CA ASP A 157 31.67 -13.94 -8.70
C ASP A 157 30.39 -14.52 -9.31
N GLU A 158 29.74 -13.83 -10.21
CA GLU A 158 28.68 -14.46 -10.98
C GLU A 158 29.14 -14.70 -12.41
N ASP A 159 30.45 -14.88 -12.57
CA ASP A 159 31.05 -15.29 -13.82
C ASP A 159 30.66 -14.36 -14.98
N LEU A 160 30.44 -13.08 -14.67
CA LEU A 160 30.07 -12.09 -15.68
C LEU A 160 31.28 -11.20 -15.96
N ILE A 161 31.82 -11.32 -17.17
CA ILE A 161 32.98 -10.55 -17.61
C ILE A 161 32.50 -9.25 -18.23
N HIS A 162 33.02 -8.11 -17.77
CA HIS A 162 32.48 -6.84 -18.25
C HIS A 162 32.84 -6.57 -19.70
N GLY A 163 34.10 -6.81 -20.08
CA GLY A 163 34.57 -6.72 -21.44
C GLY A 163 35.27 -5.43 -21.80
N ASP A 164 35.09 -4.38 -21.02
CA ASP A 164 35.65 -3.07 -21.36
C ASP A 164 35.68 -2.17 -20.13
N LEU A 165 36.35 -2.61 -19.08
CA LEU A 165 36.33 -1.90 -17.81
C LEU A 165 37.20 -0.65 -17.92
N THR A 166 36.60 0.53 -17.80
CA THR A 166 37.40 1.73 -17.68
C THR A 166 36.83 2.63 -16.61
N THR A 167 37.57 3.65 -16.25
CA THR A 167 37.06 4.55 -15.26
C THR A 167 36.01 5.49 -15.83
N SER A 168 35.59 5.31 -17.08
CA SER A 168 34.49 6.08 -17.61
C SER A 168 33.23 5.23 -17.80
N ASN A 169 33.33 3.91 -17.62
CA ASN A 169 32.16 3.04 -17.54
C ASN A 169 31.80 2.70 -16.11
N MET A 170 32.22 3.51 -15.15
CA MET A 170 31.73 3.44 -13.77
C MET A 170 31.28 4.84 -13.39
N LEU A 171 30.07 4.95 -12.87
CA LEU A 171 29.51 6.24 -12.51
C LEU A 171 29.35 6.30 -11.00
N LEU A 172 29.26 7.51 -10.49
CA LEU A 172 29.15 7.74 -9.06
C LEU A 172 27.84 8.45 -8.84
N LYS A 173 26.89 7.74 -8.28
CA LYS A 173 25.53 8.21 -8.08
C LYS A 173 25.51 9.12 -6.86
N PRO A 174 24.76 10.23 -6.90
CA PRO A 174 24.70 11.09 -5.73
C PRO A 174 23.96 10.37 -4.59
N PRO A 175 24.36 10.61 -3.33
CA PRO A 175 25.44 11.49 -2.84
C PRO A 175 26.83 10.95 -3.17
N LEU A 176 27.75 11.83 -3.56
CA LEU A 176 29.07 11.35 -3.95
C LEU A 176 29.83 10.76 -2.77
N GLU A 177 29.60 11.26 -1.56
CA GLU A 177 30.42 10.89 -0.41
C GLU A 177 30.42 9.39 -0.16
N GLN A 178 29.30 8.69 -0.39
CA GLN A 178 29.21 7.28 -0.04
C GLN A 178 29.70 6.35 -1.15
N LEU A 179 30.12 6.88 -2.31
CA LEU A 179 30.73 6.08 -3.36
C LEU A 179 29.81 4.95 -3.82
N ASN A 180 28.72 5.37 -4.46
CA ASN A 180 27.73 4.46 -5.01
C ASN A 180 28.08 4.23 -6.46
N ILE A 181 28.65 3.07 -6.75
CA ILE A 181 29.19 2.80 -8.08
C ILE A 181 28.11 2.14 -8.91
N VAL A 182 27.88 2.69 -10.09
CA VAL A 182 26.97 2.13 -11.07
C VAL A 182 27.83 1.79 -12.27
N LEU A 183 27.79 0.54 -12.70
CA LEU A 183 28.52 0.10 -13.88
C LEU A 183 27.65 0.29 -15.11
N ILE A 184 28.27 0.64 -16.22
CA ILE A 184 27.55 0.88 -17.47
C ILE A 184 28.40 0.39 -18.63
N ASP A 185 27.74 0.26 -19.78
CA ASP A 185 28.35 -0.10 -21.06
C ASP A 185 28.79 -1.55 -21.10
N PHE A 186 27.86 -2.48 -21.31
CA PHE A 186 28.12 -3.90 -21.24
C PHE A 186 28.11 -4.57 -22.61
N GLY A 187 28.33 -3.81 -23.69
CA GLY A 187 28.13 -4.39 -25.00
C GLY A 187 29.08 -5.54 -25.31
N LEU A 188 30.28 -5.52 -24.74
CA LEU A 188 31.26 -6.56 -24.99
C LEU A 188 31.33 -7.58 -23.86
N SER A 189 30.34 -7.58 -22.97
CA SER A 189 30.34 -8.45 -21.81
C SER A 189 29.94 -9.89 -22.19
N PHE A 190 30.28 -10.83 -21.32
CA PHE A 190 29.97 -12.22 -21.61
C PHE A 190 30.18 -13.03 -20.36
N ILE A 191 29.57 -14.23 -20.34
CA ILE A 191 29.58 -15.13 -19.19
C ILE A 191 30.76 -16.07 -19.35
N SER A 192 31.54 -16.22 -18.29
CA SER A 192 32.61 -17.22 -18.27
C SER A 192 33.16 -17.34 -16.85
N ALA A 193 33.41 -18.57 -16.40
CA ALA A 193 34.01 -18.82 -15.10
C ALA A 193 35.51 -18.96 -15.19
N LEU A 194 36.07 -18.81 -16.38
CA LEU A 194 37.49 -19.01 -16.59
C LEU A 194 38.28 -17.91 -15.89
N PRO A 195 39.24 -18.23 -15.01
CA PRO A 195 40.03 -17.17 -14.39
C PRO A 195 40.85 -16.38 -15.40
N GLU A 196 41.28 -17.02 -16.47
CA GLU A 196 42.00 -16.30 -17.52
C GLU A 196 41.16 -15.18 -18.11
N ASP A 197 39.82 -15.31 -18.07
CA ASP A 197 38.93 -14.30 -18.63
C ASP A 197 38.67 -13.18 -17.63
N LYS A 198 38.52 -13.53 -16.36
CA LYS A 198 38.46 -12.51 -15.34
C LYS A 198 39.81 -11.81 -15.21
N GLY A 199 40.89 -12.55 -15.41
CA GLY A 199 42.21 -11.91 -15.35
C GLY A 199 42.37 -10.88 -16.44
N VAL A 200 41.99 -11.23 -17.68
CA VAL A 200 42.13 -10.28 -18.76
C VAL A 200 41.16 -9.13 -18.58
N ASP A 201 40.04 -9.36 -17.90
CA ASP A 201 39.09 -8.28 -17.64
C ASP A 201 39.68 -7.24 -16.71
N LEU A 202 40.45 -7.66 -15.69
CA LEU A 202 41.12 -6.71 -14.80
C LEU A 202 42.32 -6.08 -15.47
N TYR A 203 42.93 -6.77 -16.42
CA TYR A 203 44.08 -6.17 -17.09
C TYR A 203 43.67 -4.95 -17.91
N VAL A 204 42.55 -5.02 -18.63
CA VAL A 204 42.16 -3.84 -19.40
C VAL A 204 41.80 -2.68 -18.47
N LEU A 205 41.21 -2.94 -17.29
CA LEU A 205 41.00 -1.85 -16.35
C LEU A 205 42.33 -1.31 -15.87
N GLU A 206 43.32 -2.18 -15.68
CA GLU A 206 44.63 -1.71 -15.26
C GLU A 206 45.24 -0.79 -16.32
N LYS A 207 45.14 -1.17 -17.58
CA LYS A 207 45.70 -0.30 -18.62
C LYS A 207 44.87 0.97 -18.77
N ALA A 208 43.59 0.93 -18.41
CA ALA A 208 42.78 2.14 -18.45
C ALA A 208 43.27 3.14 -17.42
N PHE A 209 43.63 2.67 -16.23
CA PHE A 209 44.22 3.56 -15.24
C PHE A 209 45.50 4.18 -15.78
N LEU A 210 46.37 3.35 -16.37
CA LEU A 210 47.65 3.84 -16.84
C LEU A 210 47.51 4.93 -17.89
N SER A 211 46.58 4.78 -18.83
CA SER A 211 46.57 5.77 -19.90
C SER A 211 45.94 7.06 -19.44
N THR A 212 44.85 6.97 -18.70
CA THR A 212 44.10 8.19 -18.41
C THR A 212 44.48 8.85 -17.08
N HIS A 213 44.90 8.07 -16.06
CA HIS A 213 45.13 8.59 -14.71
C HIS A 213 46.59 8.40 -14.30
N PRO A 214 47.46 9.37 -14.56
CA PRO A 214 48.87 9.17 -14.21
C PRO A 214 49.14 9.11 -12.72
N ASN A 215 50.10 8.26 -12.34
CA ASN A 215 50.60 8.11 -10.97
C ASN A 215 49.59 7.51 -10.00
N THR A 216 48.58 6.81 -10.54
CA THR A 216 47.56 6.14 -9.74
C THR A 216 47.84 4.65 -9.57
N GLU A 217 49.11 4.24 -9.66
CA GLU A 217 49.42 2.82 -9.55
C GLU A 217 49.11 2.30 -8.15
N THR A 218 49.35 3.10 -7.11
CA THR A 218 49.04 2.67 -5.76
C THR A 218 47.56 2.43 -5.58
N VAL A 219 46.74 3.05 -6.44
CA VAL A 219 45.30 2.89 -6.37
C VAL A 219 44.87 1.56 -6.95
N PHE A 220 45.70 0.91 -7.74
CA PHE A 220 45.21 -0.32 -8.36
C PHE A 220 45.32 -1.56 -7.46
N GLU A 221 45.88 -1.48 -6.25
CA GLU A 221 45.73 -2.63 -5.36
C GLU A 221 44.86 -2.39 -4.18
N ALA A 222 44.80 -1.15 -3.70
CA ALA A 222 43.70 -0.86 -2.83
C ALA A 222 42.51 -1.49 -3.52
N PHE A 223 42.47 -1.38 -4.86
CA PHE A 223 41.56 -2.18 -5.65
C PHE A 223 41.88 -3.68 -5.53
N LEU A 224 43.06 -4.09 -6.00
CA LEU A 224 43.37 -5.52 -6.08
C LEU A 224 43.30 -6.19 -4.71
N LYS A 225 43.82 -5.54 -3.67
CA LYS A 225 43.73 -6.12 -2.34
C LYS A 225 42.28 -6.19 -1.87
N SER A 226 41.49 -5.18 -2.21
CA SER A 226 40.05 -5.24 -1.94
C SER A 226 39.39 -6.37 -2.71
N TYR A 227 39.61 -6.42 -4.02
CA TYR A 227 39.04 -7.49 -4.83
C TYR A 227 39.33 -8.85 -4.22
N SER A 228 40.56 -9.08 -3.81
CA SER A 228 40.93 -10.42 -3.42
C SER A 228 40.43 -10.78 -2.02
N THR A 229 40.10 -9.79 -1.19
CA THR A 229 39.38 -10.11 0.04
C THR A 229 37.87 -10.09 -0.14
N SER A 230 37.36 -9.65 -1.30
CA SER A 230 35.91 -9.64 -1.51
C SER A 230 35.42 -10.74 -2.43
N SER A 231 36.29 -11.33 -3.25
CA SER A 231 35.87 -12.45 -4.07
C SER A 231 36.61 -13.70 -3.66
N LYS A 232 35.80 -14.71 -3.36
CA LYS A 232 36.15 -16.01 -2.81
C LYS A 232 36.95 -16.86 -3.74
N LYS A 233 36.90 -16.62 -5.04
CA LYS A 233 37.70 -17.32 -6.03
C LYS A 233 38.80 -16.45 -6.68
N ALA A 234 39.30 -15.43 -5.98
CA ALA A 234 40.17 -14.47 -6.63
C ALA A 234 41.61 -14.94 -6.71
N ARG A 235 42.02 -15.90 -5.89
CA ARG A 235 43.43 -16.31 -5.94
C ARG A 235 43.83 -16.78 -7.32
N PRO A 236 43.11 -17.70 -8.00
CA PRO A 236 43.54 -18.10 -9.34
C PRO A 236 43.44 -16.99 -10.36
N VAL A 237 42.52 -16.03 -10.16
CA VAL A 237 42.38 -14.92 -11.11
C VAL A 237 43.57 -13.97 -11.00
N LEU A 238 44.16 -13.85 -9.82
CA LEU A 238 45.34 -13.00 -9.73
C LEU A 238 46.61 -13.73 -10.12
N LYS A 239 46.57 -15.07 -10.19
CA LYS A 239 47.69 -15.75 -10.84
C LYS A 239 47.61 -15.58 -12.35
N LYS A 240 46.40 -15.56 -12.91
CA LYS A 240 46.30 -15.38 -14.36
C LYS A 240 46.41 -13.92 -14.76
N LEU A 241 46.13 -13.00 -13.84
CA LEU A 241 46.43 -11.61 -14.14
C LEU A 241 47.93 -11.41 -14.27
N ASP A 242 48.71 -12.01 -13.36
CA ASP A 242 50.15 -11.80 -13.44
C ASP A 242 50.76 -12.57 -14.58
N GLU A 243 50.04 -13.54 -15.10
CA GLU A 243 50.48 -14.24 -16.30
C GLU A 243 50.05 -13.47 -17.56
N VAL A 244 48.93 -12.74 -17.49
CA VAL A 244 48.52 -11.92 -18.62
C VAL A 244 49.35 -10.66 -18.71
N ARG A 245 49.72 -10.08 -17.55
CA ARG A 245 50.65 -8.96 -17.54
C ARG A 245 52.00 -9.34 -18.11
N LEU A 246 52.43 -10.58 -17.90
CA LEU A 246 53.71 -10.95 -18.48
C LEU A 246 53.61 -11.20 -19.99
N ARG A 247 52.49 -11.73 -20.48
CA ARG A 247 52.38 -12.05 -21.90
C ARG A 247 51.94 -10.87 -22.74
N GLY A 248 50.97 -10.09 -22.25
CA GLY A 248 50.37 -9.01 -23.00
C GLY A 248 48.98 -9.34 -23.50
N ARG A 249 48.63 -10.62 -23.56
CA ARG A 249 47.32 -11.06 -24.03
C ARG A 249 46.96 -12.39 -23.35
N LYS A 250 45.86 -12.99 -23.78
CA LYS A 250 45.49 -14.32 -23.33
C LYS A 250 45.94 -15.32 -24.38
N ARG A 251 46.61 -16.39 -23.94
CA ARG A 251 47.02 -17.46 -24.86
C ARG A 251 47.72 -18.59 -24.10
N HIS B 3 -13.66 7.13 -9.85
CA HIS B 3 -14.18 6.74 -11.15
C HIS B 3 -13.60 7.59 -12.27
N MET B 4 -12.27 7.64 -12.38
CA MET B 4 -11.63 8.44 -13.41
C MET B 4 -10.60 7.57 -14.12
N GLN B 5 -10.55 7.72 -15.44
CA GLN B 5 -9.57 7.02 -16.24
C GLN B 5 -8.19 7.63 -16.07
N LEU B 6 -7.18 6.90 -16.54
CA LEU B 6 -5.81 7.39 -16.64
C LEU B 6 -5.33 7.01 -18.03
N THR B 7 -5.13 8.01 -18.88
CA THR B 7 -4.69 7.78 -20.26
C THR B 7 -3.36 8.45 -20.48
N HIS B 8 -2.46 7.76 -21.18
CA HIS B 8 -1.09 8.19 -21.41
C HIS B 8 -0.78 7.99 -22.88
N GLN B 9 0.04 8.87 -23.45
CA GLN B 9 0.38 8.76 -24.85
C GLN B 9 1.70 8.04 -24.99
N LEU B 10 1.76 7.09 -25.93
CA LEU B 10 2.97 6.31 -26.15
C LEU B 10 4.05 7.18 -26.77
N ASP B 11 5.23 7.23 -26.12
CA ASP B 11 6.24 8.23 -26.49
C ASP B 11 6.90 7.92 -27.83
N LEU B 12 7.06 6.64 -28.18
CA LEU B 12 7.65 6.32 -29.48
C LEU B 12 6.60 6.19 -30.57
N PHE B 13 5.34 5.97 -30.22
CA PHE B 13 4.23 5.94 -31.17
C PHE B 13 3.18 6.98 -30.78
N PRO B 14 3.50 8.28 -30.91
CA PRO B 14 2.58 9.33 -30.46
C PRO B 14 1.27 9.38 -31.23
N GLU B 15 1.10 8.53 -32.25
CA GLU B 15 -0.21 8.37 -32.84
C GLU B 15 -1.13 7.60 -31.92
N CYS B 16 -0.56 6.79 -31.01
CA CYS B 16 -1.34 5.96 -30.10
C CYS B 16 -1.45 6.57 -28.71
N ARG B 17 -2.47 6.10 -27.99
CA ARG B 17 -2.66 6.41 -26.58
C ARG B 17 -3.03 5.12 -25.85
N VAL B 18 -2.73 5.07 -24.55
CA VAL B 18 -3.07 3.94 -23.70
C VAL B 18 -3.98 4.43 -22.60
N THR B 19 -5.13 3.79 -22.45
CA THR B 19 -6.10 4.17 -21.43
C THR B 19 -6.29 3.04 -20.42
N LEU B 20 -6.26 3.40 -19.15
CA LEU B 20 -6.38 2.46 -18.04
C LEU B 20 -7.66 2.73 -17.28
N LEU B 21 -8.50 1.70 -17.12
CA LEU B 21 -9.71 1.75 -16.31
C LEU B 21 -9.64 0.65 -15.27
N LEU B 22 -9.96 0.99 -14.02
CA LEU B 22 -9.88 0.04 -12.91
C LEU B 22 -11.25 -0.07 -12.23
N PHE B 23 -11.66 -1.30 -11.94
CA PHE B 23 -12.96 -1.56 -11.33
C PHE B 23 -12.80 -2.36 -10.03
N LYS B 24 -13.68 -2.09 -9.07
CA LYS B 24 -13.74 -2.80 -7.81
C LYS B 24 -15.10 -3.49 -7.72
N ASP B 25 -15.15 -4.51 -6.87
CA ASP B 25 -16.39 -5.23 -6.60
C ASP B 25 -17.02 -5.73 -7.89
N VAL B 26 -16.28 -6.54 -8.60
CA VAL B 26 -16.77 -7.12 -9.83
C VAL B 26 -17.52 -8.42 -9.52
N LYS B 27 -18.65 -8.62 -10.19
CA LYS B 27 -19.45 -9.83 -10.00
C LYS B 27 -19.44 -10.77 -11.20
N ASN B 28 -19.19 -10.26 -12.41
CA ASN B 28 -19.24 -11.12 -13.58
C ASN B 28 -17.87 -11.29 -14.23
N ALA B 29 -16.85 -11.56 -13.42
CA ALA B 29 -15.53 -11.78 -13.99
C ALA B 29 -15.54 -13.01 -14.90
N GLY B 30 -16.32 -14.04 -14.55
CA GLY B 30 -16.37 -15.21 -15.40
C GLY B 30 -16.96 -14.91 -16.77
N ASP B 31 -18.10 -14.22 -16.80
CA ASP B 31 -18.66 -13.84 -18.08
C ASP B 31 -17.70 -12.95 -18.82
N LEU B 32 -17.02 -12.06 -18.09
CA LEU B 32 -16.08 -11.15 -18.72
C LEU B 32 -14.94 -11.91 -19.42
N ARG B 33 -14.49 -13.05 -18.87
CA ARG B 33 -13.34 -13.72 -19.49
C ARG B 33 -13.75 -14.37 -20.81
N ARG B 34 -14.91 -15.02 -20.82
CA ARG B 34 -15.38 -15.67 -22.03
C ARG B 34 -15.47 -14.67 -23.17
N LYS B 35 -15.87 -13.43 -22.84
CA LYS B 35 -16.05 -12.40 -23.85
C LYS B 35 -14.73 -11.91 -24.42
N ALA B 36 -13.66 -11.96 -23.63
CA ALA B 36 -12.35 -11.65 -24.17
C ALA B 36 -11.90 -12.73 -25.15
N MET B 37 -12.05 -14.02 -24.79
CA MET B 37 -11.72 -15.05 -25.75
C MET B 37 -12.64 -14.98 -26.95
N GLU B 38 -13.87 -14.51 -26.75
CA GLU B 38 -14.84 -14.42 -27.84
C GLU B 38 -14.71 -13.13 -28.63
N GLY B 39 -14.02 -12.11 -28.09
CA GLY B 39 -13.76 -10.87 -28.80
C GLY B 39 -14.83 -9.81 -28.68
N THR B 40 -16.00 -10.13 -28.12
CA THR B 40 -17.05 -9.14 -27.84
C THR B 40 -16.48 -7.87 -27.19
N ILE B 41 -15.70 -8.02 -26.09
CA ILE B 41 -15.22 -6.86 -25.32
C ILE B 41 -13.87 -6.41 -25.85
N ASP B 42 -13.65 -5.10 -25.82
CA ASP B 42 -12.42 -4.51 -26.32
C ASP B 42 -11.49 -4.29 -25.14
N GLY B 43 -10.20 -4.50 -25.36
CA GLY B 43 -9.18 -4.23 -24.36
C GLY B 43 -8.62 -5.52 -23.76
N SER B 44 -7.69 -5.32 -22.83
CA SER B 44 -7.05 -6.41 -22.08
C SER B 44 -7.53 -6.38 -20.65
N LEU B 45 -7.97 -7.53 -20.14
CA LEU B 45 -8.46 -7.66 -18.78
C LEU B 45 -7.35 -8.27 -17.95
N ILE B 46 -6.78 -7.47 -17.06
CA ILE B 46 -5.53 -7.77 -16.38
C ILE B 46 -5.80 -7.88 -14.88
N ASN B 47 -5.08 -8.80 -14.24
CA ASN B 47 -5.11 -8.98 -12.79
C ASN B 47 -4.47 -7.78 -12.12
N PRO B 48 -5.22 -6.91 -11.46
CA PRO B 48 -4.60 -5.73 -10.84
C PRO B 48 -3.82 -6.08 -9.58
N THR B 49 -3.99 -7.28 -9.03
CA THR B 49 -3.29 -7.69 -7.83
C THR B 49 -1.77 -7.59 -7.95
N VAL B 50 -1.24 -7.66 -9.17
CA VAL B 50 0.19 -7.78 -9.42
C VAL B 50 0.74 -6.57 -10.20
N ILE B 51 0.03 -5.45 -10.21
CA ILE B 51 0.47 -4.24 -10.90
C ILE B 51 0.93 -3.25 -9.84
N VAL B 52 2.21 -2.85 -9.90
CA VAL B 52 2.78 -1.95 -8.90
C VAL B 52 2.80 -0.49 -9.33
N ASP B 53 2.56 -0.18 -10.61
CA ASP B 53 2.64 1.18 -11.12
C ASP B 53 2.14 1.22 -12.57
N PRO B 54 1.50 2.30 -13.01
CA PRO B 54 1.13 2.38 -14.43
C PRO B 54 2.31 2.18 -15.36
N PHE B 55 3.53 2.52 -14.93
CA PHE B 55 4.71 2.27 -15.75
C PHE B 55 4.81 0.81 -16.16
N GLN B 56 4.37 -0.11 -15.31
CA GLN B 56 4.36 -1.52 -15.67
C GLN B 56 3.45 -1.75 -16.86
N ILE B 57 2.30 -1.06 -16.90
CA ILE B 57 1.37 -1.24 -18.01
C ILE B 57 1.91 -0.59 -19.28
N LEU B 58 2.48 0.61 -19.17
CA LEU B 58 2.93 1.32 -20.38
C LEU B 58 4.09 0.60 -21.06
N VAL B 59 5.05 0.12 -20.27
CA VAL B 59 6.15 -0.64 -20.86
C VAL B 59 5.62 -1.85 -21.62
N ALA B 60 4.68 -2.59 -21.01
CA ALA B 60 4.05 -3.70 -21.71
C ALA B 60 3.30 -3.22 -22.93
N ALA B 61 2.54 -2.13 -22.78
CA ALA B 61 1.83 -1.61 -23.94
C ALA B 61 2.81 -1.25 -25.05
N ASN B 62 3.93 -0.62 -24.70
CA ASN B 62 4.87 -0.17 -25.71
C ASN B 62 5.45 -1.34 -26.49
N LYS B 63 5.92 -2.36 -25.79
CA LYS B 63 6.51 -3.51 -26.49
C LYS B 63 5.48 -4.25 -27.33
N ALA B 64 4.22 -4.21 -26.94
CA ALA B 64 3.16 -4.87 -27.69
C ALA B 64 2.88 -4.14 -29.01
N VAL B 65 2.70 -2.82 -28.95
CA VAL B 65 2.49 -2.08 -30.20
C VAL B 65 3.68 -2.28 -31.12
N HIS B 66 4.89 -2.26 -30.56
CA HIS B 66 6.10 -2.38 -31.37
C HIS B 66 6.11 -3.67 -32.16
N LEU B 67 5.84 -4.81 -31.50
CA LEU B 67 5.80 -6.08 -32.21
C LEU B 67 4.53 -6.22 -33.04
N TYR B 68 3.43 -5.57 -32.63
CA TYR B 68 2.25 -5.56 -33.48
C TYR B 68 2.57 -4.92 -34.82
N LYS B 69 3.19 -3.73 -34.79
CA LYS B 69 3.44 -2.97 -36.01
C LYS B 69 4.51 -3.61 -36.88
N LEU B 70 5.32 -4.51 -36.32
CA LEU B 70 6.28 -5.27 -37.11
C LEU B 70 5.73 -6.62 -37.53
N GLY B 71 4.51 -6.96 -37.11
CA GLY B 71 3.93 -8.25 -37.42
C GLY B 71 4.62 -9.45 -36.82
N LYS B 72 5.43 -9.26 -35.78
CA LYS B 72 6.16 -10.37 -35.18
C LYS B 72 5.76 -10.53 -33.71
N MET B 73 4.48 -10.33 -33.41
CA MET B 73 3.97 -10.58 -32.07
C MET B 73 4.04 -12.05 -31.70
N LYS B 74 4.29 -12.31 -30.41
CA LYS B 74 4.33 -13.70 -29.98
C LYS B 74 2.94 -14.26 -29.73
N THR B 75 1.94 -13.40 -29.53
CA THR B 75 0.57 -13.90 -29.47
C THR B 75 -0.29 -13.40 -30.61
N ARG B 76 -1.60 -13.41 -30.38
CA ARG B 76 -2.59 -13.38 -31.45
C ARG B 76 -3.22 -12.02 -31.66
N THR B 77 -3.89 -11.52 -30.63
CA THR B 77 -4.44 -10.19 -30.53
C THR B 77 -3.40 -9.26 -29.96
N LEU B 78 -3.54 -7.97 -30.25
CA LEU B 78 -2.79 -6.97 -29.51
C LEU B 78 -3.16 -7.00 -28.02
N SER B 79 -4.46 -7.13 -27.71
CA SER B 79 -4.93 -7.10 -26.33
C SER B 79 -4.48 -8.33 -25.55
N THR B 80 -4.03 -9.36 -26.24
CA THR B 80 -3.47 -10.47 -25.52
C THR B 80 -1.97 -10.37 -25.42
N GLU B 81 -1.32 -9.72 -26.39
CA GLU B 81 0.11 -9.47 -26.30
C GLU B 81 0.41 -8.51 -25.15
N ILE B 82 -0.49 -7.57 -24.85
CA ILE B 82 -0.25 -6.70 -23.70
C ILE B 82 -0.12 -7.54 -22.43
N ILE B 83 -1.07 -8.46 -22.21
CA ILE B 83 -1.02 -9.26 -20.99
C ILE B 83 0.25 -10.10 -20.95
N PHE B 84 0.56 -10.76 -22.07
CA PHE B 84 1.71 -11.65 -22.09
C PHE B 84 2.99 -10.89 -21.72
N ASN B 85 3.16 -9.69 -22.25
CA ASN B 85 4.39 -8.92 -22.02
C ASN B 85 4.54 -8.54 -20.55
N LEU B 86 3.56 -8.86 -19.71
CA LEU B 86 3.69 -8.60 -18.28
C LEU B 86 4.34 -9.76 -17.54
N SER B 87 4.30 -10.97 -18.11
CA SER B 87 4.89 -12.15 -17.50
C SER B 87 6.40 -12.08 -17.55
N PRO B 88 7.08 -12.62 -16.53
CA PRO B 88 8.54 -12.73 -16.60
C PRO B 88 9.05 -13.93 -17.41
N ASN B 89 8.20 -14.92 -17.71
CA ASN B 89 8.50 -16.09 -18.55
C ASN B 89 7.93 -15.90 -19.95
N ASN B 90 8.19 -16.89 -20.80
CA ASN B 90 7.65 -16.90 -22.15
C ASN B 90 6.56 -17.95 -22.33
N ASN B 91 6.07 -18.53 -21.24
CA ASN B 91 4.95 -19.46 -21.32
C ASN B 91 3.67 -18.67 -21.60
N ILE B 92 3.18 -18.74 -22.84
CA ILE B 92 2.01 -17.95 -23.25
C ILE B 92 0.77 -18.36 -22.47
N SER B 93 0.56 -19.67 -22.27
CA SER B 93 -0.68 -20.03 -21.59
C SER B 93 -0.58 -19.76 -20.10
N GLU B 94 0.57 -20.04 -19.49
CA GLU B 94 0.73 -19.69 -18.08
C GLU B 94 0.63 -18.19 -17.88
N ALA B 95 1.13 -17.40 -18.84
CA ALA B 95 1.14 -15.95 -18.69
C ALA B 95 -0.28 -15.38 -18.65
N LEU B 96 -1.18 -15.94 -19.44
CA LEU B 96 -2.51 -15.36 -19.54
C LEU B 96 -3.48 -15.90 -18.50
N LYS B 97 -3.19 -17.02 -17.85
CA LYS B 97 -3.97 -17.35 -16.67
C LYS B 97 -3.52 -16.50 -15.49
N LYS B 98 -2.20 -16.42 -15.25
CA LYS B 98 -1.70 -15.78 -14.03
C LYS B 98 -1.76 -14.25 -14.09
N PHE B 99 -1.66 -13.65 -15.29
CA PHE B 99 -1.72 -12.19 -15.42
C PHE B 99 -3.04 -11.68 -16.01
N GLY B 100 -3.90 -12.57 -16.53
CA GLY B 100 -5.24 -12.19 -16.89
C GLY B 100 -6.11 -12.17 -15.65
N ILE B 101 -7.42 -12.21 -15.86
CA ILE B 101 -8.38 -12.24 -14.76
C ILE B 101 -9.01 -13.62 -14.75
N SER B 102 -9.46 -14.05 -13.57
CA SER B 102 -10.07 -15.36 -13.43
C SER B 102 -11.46 -15.25 -12.82
N ALA B 103 -12.16 -16.39 -12.81
CA ALA B 103 -13.62 -16.37 -12.67
C ALA B 103 -14.08 -15.81 -11.35
N ASN B 104 -13.29 -15.95 -10.30
CA ASN B 104 -13.72 -15.49 -8.98
C ASN B 104 -12.88 -14.30 -8.50
N ASP B 105 -12.52 -13.40 -9.41
CA ASP B 105 -11.85 -12.15 -9.06
C ASP B 105 -12.89 -11.04 -8.85
N THR B 106 -12.56 -10.10 -7.96
CA THR B 106 -13.47 -9.01 -7.59
C THR B 106 -13.01 -7.64 -8.03
N SER B 107 -11.76 -7.50 -8.46
CA SER B 107 -11.23 -6.25 -9.00
C SER B 107 -10.49 -6.57 -10.28
N ILE B 108 -10.79 -5.83 -11.35
CA ILE B 108 -10.13 -6.06 -12.62
C ILE B 108 -9.66 -4.74 -13.21
N LEU B 109 -8.60 -4.80 -14.01
CA LEU B 109 -8.01 -3.64 -14.66
C LEU B 109 -8.15 -3.80 -16.16
N ILE B 110 -8.68 -2.79 -16.83
CA ILE B 110 -8.89 -2.84 -18.27
C ILE B 110 -7.91 -1.89 -18.95
N VAL B 111 -7.16 -2.39 -19.91
CA VAL B 111 -6.21 -1.59 -20.68
C VAL B 111 -6.60 -1.71 -22.14
N TYR B 112 -6.63 -0.57 -22.83
CA TYR B 112 -6.93 -0.59 -24.26
C TYR B 112 -6.18 0.55 -24.95
N ILE B 113 -5.76 0.28 -26.18
CA ILE B 113 -5.00 1.22 -26.99
C ILE B 113 -5.88 1.69 -28.15
N GLU B 114 -5.98 2.99 -28.34
CA GLU B 114 -6.61 3.55 -29.53
C GLU B 114 -5.56 4.28 -30.36
N GLU B 115 -5.62 4.11 -31.68
CA GLU B 115 -4.62 4.64 -32.61
C GLU B 115 -5.26 5.75 -33.44
N GLY B 116 -4.77 6.97 -33.24
CA GLY B 116 -5.24 8.10 -34.01
C GLY B 116 -6.69 8.42 -33.72
N GLU B 117 -7.44 8.70 -34.79
CA GLU B 117 -8.83 9.12 -34.66
C GLU B 117 -9.74 8.00 -34.15
N LYS B 118 -9.42 6.73 -34.48
CA LYS B 118 -10.28 5.61 -34.11
C LYS B 118 -10.31 5.48 -32.60
N GLN B 119 -11.50 5.65 -32.03
CA GLN B 119 -11.69 5.58 -30.58
C GLN B 119 -12.54 4.38 -30.22
N ILE B 120 -12.55 4.10 -28.93
CA ILE B 120 -13.26 2.98 -28.36
C ILE B 120 -14.48 3.56 -27.66
N ASN B 121 -15.58 2.82 -27.69
CA ASN B 121 -16.79 3.29 -27.04
C ASN B 121 -16.64 2.99 -25.56
N GLN B 122 -16.05 3.94 -24.84
CA GLN B 122 -15.68 3.69 -23.45
C GLN B 122 -16.90 3.60 -22.57
N GLU B 123 -18.02 4.17 -22.99
CA GLU B 123 -19.25 4.05 -22.22
C GLU B 123 -19.99 2.75 -22.47
N TYR B 124 -19.71 2.08 -23.59
CA TYR B 124 -20.18 0.71 -23.76
C TYR B 124 -19.26 -0.29 -23.07
N LEU B 125 -18.01 0.09 -22.83
CA LEU B 125 -17.07 -0.83 -22.22
C LEU B 125 -17.34 -0.97 -20.73
N ILE B 126 -17.52 0.16 -20.03
CA ILE B 126 -17.88 0.16 -18.62
C ILE B 126 -19.23 -0.54 -18.43
N SER B 127 -20.15 -0.34 -19.36
CA SER B 127 -21.49 -0.92 -19.25
C SER B 127 -21.52 -2.44 -19.12
N GLN B 128 -20.46 -3.12 -19.57
CA GLN B 128 -20.36 -4.57 -19.52
C GLN B 128 -19.81 -5.13 -18.21
N VAL B 129 -19.31 -4.28 -17.31
CA VAL B 129 -18.70 -4.71 -16.06
C VAL B 129 -19.68 -4.46 -14.91
N GLU B 130 -20.08 -5.54 -14.22
CA GLU B 130 -20.89 -5.38 -13.02
C GLU B 130 -19.94 -5.09 -11.87
N GLY B 131 -19.55 -3.82 -11.81
CA GLY B 131 -18.57 -3.33 -10.87
C GLY B 131 -18.64 -1.82 -10.78
N HIS B 132 -17.90 -1.35 -9.80
CA HIS B 132 -17.81 0.04 -9.38
C HIS B 132 -16.46 0.56 -9.89
N GLN B 133 -16.49 1.30 -11.01
CA GLN B 133 -15.26 1.86 -11.57
C GLN B 133 -14.62 2.85 -10.63
N VAL B 134 -13.41 2.55 -10.14
CA VAL B 134 -12.72 3.49 -9.27
C VAL B 134 -11.53 4.04 -10.04
N SER B 135 -11.02 5.18 -9.56
CA SER B 135 -9.89 5.82 -10.21
C SER B 135 -8.62 5.05 -9.88
N LEU B 136 -7.66 5.11 -10.82
CA LEU B 136 -6.41 4.38 -10.65
C LEU B 136 -5.57 4.86 -9.49
N LYS B 137 -5.91 5.98 -8.87
CA LYS B 137 -5.26 6.30 -7.60
C LYS B 137 -5.49 5.21 -6.57
N ASN B 138 -6.55 4.43 -6.75
CA ASN B 138 -6.87 3.35 -5.83
C ASN B 138 -6.09 2.06 -6.12
N LEU B 139 -5.16 2.10 -7.05
CA LEU B 139 -4.45 0.89 -7.46
C LEU B 139 -3.48 0.36 -6.40
N PRO B 140 -2.81 1.22 -5.60
CA PRO B 140 -1.94 0.67 -4.54
C PRO B 140 -2.65 -0.19 -3.51
N GLU B 141 -3.89 0.15 -3.14
CA GLU B 141 -4.58 -0.63 -2.12
C GLU B 141 -5.18 -1.92 -2.65
N ILE B 142 -5.03 -2.19 -3.94
CA ILE B 142 -5.47 -3.45 -4.51
C ILE B 142 -4.26 -4.35 -4.71
N MET B 143 -3.12 -3.73 -5.00
CA MET B 143 -1.91 -4.48 -5.34
C MET B 143 -1.37 -5.18 -4.09
N ASN B 144 -0.98 -6.44 -4.25
CA ASN B 144 -0.46 -7.25 -3.15
C ASN B 144 1.02 -7.56 -3.40
N ILE B 145 1.91 -6.98 -2.60
CA ILE B 145 3.34 -7.24 -2.78
C ILE B 145 3.70 -8.68 -2.46
N THR B 146 3.06 -9.29 -1.49
CA THR B 146 3.42 -10.67 -1.23
C THR B 146 3.34 -11.51 -2.50
N GLU B 147 2.39 -11.21 -3.39
CA GLU B 147 2.27 -11.99 -4.61
C GLU B 147 2.96 -11.35 -5.81
N VAL B 148 3.22 -10.05 -5.78
CA VAL B 148 4.14 -9.49 -6.77
C VAL B 148 5.51 -10.16 -6.64
N LYS B 149 5.98 -10.35 -5.41
CA LYS B 149 7.26 -11.02 -5.23
C LYS B 149 7.19 -12.49 -5.62
N LYS B 150 6.04 -13.13 -5.45
CA LYS B 150 5.99 -14.55 -5.73
C LYS B 150 6.01 -14.80 -7.23
N ILE B 151 5.14 -14.10 -7.95
CA ILE B 151 4.97 -14.30 -9.39
C ILE B 151 6.10 -13.70 -10.20
N TYR B 152 6.87 -12.76 -9.63
CA TYR B 152 8.06 -12.24 -10.31
C TYR B 152 9.36 -12.82 -9.79
N LYS B 153 9.32 -13.54 -8.66
CA LYS B 153 10.51 -14.19 -8.11
C LYS B 153 11.58 -13.15 -7.79
N LEU B 154 11.15 -12.05 -7.18
CA LEU B 154 12.08 -10.99 -6.80
C LEU B 154 12.97 -11.43 -5.64
N SER B 155 14.17 -10.84 -5.59
CA SER B 155 15.27 -11.14 -4.65
C SER B 155 15.42 -10.36 -3.38
N SER B 156 16.16 -11.03 -2.51
CA SER B 156 17.02 -10.41 -1.52
C SER B 156 17.84 -9.29 -2.18
N GLN B 157 18.75 -9.68 -3.09
CA GLN B 157 19.66 -8.73 -3.69
C GLN B 157 18.96 -7.68 -4.55
N GLU B 158 17.84 -8.03 -5.18
CA GLU B 158 17.22 -7.11 -6.14
C GLU B 158 16.62 -5.88 -5.48
N GLU B 159 16.02 -6.04 -4.30
CA GLU B 159 15.45 -4.88 -3.62
C GLU B 159 16.53 -4.01 -2.98
N SER B 160 17.74 -4.55 -2.83
CA SER B 160 18.85 -3.82 -2.21
C SER B 160 19.43 -2.76 -3.12
N ILE B 161 19.17 -2.80 -4.43
CA ILE B 161 19.75 -1.84 -5.35
C ILE B 161 18.69 -1.07 -6.13
N GLY B 162 17.43 -1.12 -5.70
CA GLY B 162 16.42 -0.33 -6.37
C GLY B 162 15.05 -0.77 -5.95
N THR B 163 14.05 -0.05 -6.46
CA THR B 163 12.66 -0.40 -6.25
C THR B 163 12.37 -1.81 -6.75
N LEU B 164 11.19 -2.31 -6.37
CA LEU B 164 10.67 -3.53 -6.98
C LEU B 164 10.00 -3.29 -8.32
N LEU B 165 9.64 -2.04 -8.64
CA LEU B 165 9.18 -1.78 -10.00
C LEU B 165 10.34 -1.92 -10.98
N ASP B 166 11.52 -1.45 -10.61
CA ASP B 166 12.68 -1.56 -11.48
C ASP B 166 13.07 -3.02 -11.74
N ALA B 167 13.03 -3.86 -10.70
CA ALA B 167 13.36 -5.26 -10.92
C ALA B 167 12.35 -5.94 -11.81
N ILE B 168 11.10 -5.49 -11.77
CA ILE B 168 10.07 -6.08 -12.61
C ILE B 168 10.28 -5.67 -14.04
N ILE B 169 10.39 -4.35 -14.27
CA ILE B 169 10.57 -3.78 -15.61
C ILE B 169 11.72 -4.44 -16.30
N CYS B 170 12.74 -4.80 -15.53
CA CYS B 170 13.99 -5.22 -16.10
C CYS B 170 14.01 -6.72 -16.37
N ARG B 171 12.95 -7.46 -16.03
CA ARG B 171 12.79 -8.78 -16.62
C ARG B 171 11.69 -8.83 -17.63
N MET B 172 10.68 -7.99 -17.50
CA MET B 172 9.75 -7.81 -18.61
C MET B 172 10.51 -7.54 -19.90
N SER B 173 11.44 -6.58 -19.87
CA SER B 173 12.04 -6.01 -21.07
C SER B 173 13.19 -6.83 -21.65
N THR B 174 13.67 -7.87 -20.96
CA THR B 174 14.73 -8.72 -21.49
C THR B 174 14.33 -10.18 -21.69
N LYS B 175 13.09 -10.56 -21.39
CA LYS B 175 12.77 -11.98 -21.44
C LYS B 175 12.81 -12.53 -22.86
N ASP B 176 12.69 -11.67 -23.87
CA ASP B 176 12.77 -12.15 -25.23
C ASP B 176 14.16 -12.58 -25.64
N VAL B 177 15.17 -12.41 -24.78
CA VAL B 177 16.52 -12.87 -25.05
C VAL B 177 17.05 -13.82 -23.96
N LEU B 178 16.15 -14.47 -23.22
CA LEU B 178 16.52 -15.49 -22.22
C LEU B 178 17.46 -14.92 -21.19
N GLU C 20 -6.90 -4.89 43.52
CA GLU C 20 -7.96 -4.83 42.53
C GLU C 20 -9.01 -3.79 42.97
N ALA C 21 -9.40 -3.86 44.25
CA ALA C 21 -10.41 -2.94 44.77
C ALA C 21 -9.94 -1.49 44.75
N GLU C 22 -8.63 -1.27 44.91
CA GLU C 22 -8.13 0.10 44.93
C GLU C 22 -7.90 0.61 43.51
N ALA C 23 -7.35 -0.24 42.63
CA ALA C 23 -7.08 0.19 41.26
C ALA C 23 -8.36 0.60 40.55
N LEU C 24 -9.47 -0.09 40.84
CA LEU C 24 -10.72 0.23 40.17
C LEU C 24 -11.30 1.53 40.71
N ALA C 25 -11.20 1.73 42.01
CA ALA C 25 -11.60 3.00 42.60
C ALA C 25 -10.73 4.14 42.06
N ALA C 26 -9.47 3.84 41.75
CA ALA C 26 -8.59 4.82 41.12
C ALA C 26 -9.04 5.12 39.70
N ALA C 27 -9.39 4.08 38.95
CA ALA C 27 -9.79 4.25 37.57
C ALA C 27 -11.14 4.98 37.47
N ARG C 28 -11.96 4.91 38.51
CA ARG C 28 -13.23 5.61 38.51
C ARG C 28 -13.12 7.05 38.99
N GLU C 29 -11.95 7.50 39.47
CA GLU C 29 -11.80 8.93 39.62
C GLU C 29 -11.01 9.51 38.47
N ARG C 30 -10.10 8.73 37.90
CA ARG C 30 -9.60 9.04 36.57
C ARG C 30 -10.78 9.26 35.61
N SER C 31 -11.77 8.37 35.65
CA SER C 31 -13.07 8.65 35.05
C SER C 31 -13.60 10.08 35.28
N SER C 32 -13.86 10.39 36.55
CA SER C 32 -14.59 11.62 36.85
C SER C 32 -13.87 12.86 36.35
N ARG C 33 -12.58 12.95 36.62
CA ARG C 33 -11.82 14.13 36.23
C ARG C 33 -11.99 14.41 34.73
N PHE C 34 -11.90 13.36 33.90
CA PHE C 34 -11.87 13.59 32.47
C PHE C 34 -13.17 14.19 31.98
N LEU C 35 -14.31 13.72 32.48
CA LEU C 35 -15.59 14.27 32.04
C LEU C 35 -16.00 15.52 32.79
N SER C 36 -15.29 15.85 33.87
CA SER C 36 -15.49 17.12 34.58
C SER C 36 -15.39 18.31 33.62
N GLY C 37 -14.26 18.43 32.90
CA GLY C 37 -14.01 19.56 32.03
C GLY C 37 -14.40 19.31 30.59
N LEU C 38 -15.61 18.72 30.41
CA LEU C 38 -16.22 18.46 29.13
C LEU C 38 -17.65 18.98 29.12
N GLU C 39 -18.10 19.43 27.96
CA GLU C 39 -19.44 19.96 27.83
C GLU C 39 -20.43 18.82 27.76
N LEU C 40 -21.51 18.92 28.54
CA LEU C 40 -22.52 17.87 28.54
C LEU C 40 -23.58 18.21 27.51
N VAL C 41 -23.83 17.27 26.60
CA VAL C 41 -24.69 17.51 25.44
C VAL C 41 -26.01 16.75 25.55
N LYS C 42 -26.05 15.63 26.27
CA LYS C 42 -27.25 14.81 26.37
C LYS C 42 -27.32 14.30 27.80
N GLN C 43 -28.52 14.31 28.38
CA GLN C 43 -28.72 13.79 29.72
C GLN C 43 -29.99 12.94 29.73
N GLY C 44 -29.93 11.76 30.35
CA GLY C 44 -31.04 10.85 30.39
C GLY C 44 -31.27 10.24 31.77
N ALA C 45 -32.24 9.32 31.81
CA ALA C 45 -32.55 8.65 33.07
C ALA C 45 -31.41 7.76 33.53
N GLU C 46 -30.67 7.18 32.57
CA GLU C 46 -29.61 6.24 32.85
C GLU C 46 -28.20 6.72 32.53
N ALA C 47 -28.04 7.73 31.66
CA ALA C 47 -26.73 8.01 31.09
C ALA C 47 -26.53 9.49 30.83
N ARG C 48 -25.29 9.95 30.99
CA ARG C 48 -24.88 11.28 30.57
C ARG C 48 -23.90 11.19 29.40
N VAL C 49 -23.99 12.14 28.47
CA VAL C 49 -23.22 12.13 27.23
C VAL C 49 -22.44 13.44 27.13
N PHE C 50 -21.12 13.37 27.17
CA PHE C 50 -20.23 14.53 27.10
C PHE C 50 -19.50 14.56 25.77
N ARG C 51 -19.25 15.76 25.25
CA ARG C 51 -18.54 15.95 23.98
C ARG C 51 -17.18 16.57 24.19
N GLY C 52 -16.18 16.02 23.52
CA GLY C 52 -14.82 16.46 23.67
C GLY C 52 -13.96 15.82 22.60
N ARG C 53 -12.66 15.73 22.88
CA ARG C 53 -11.74 15.12 21.93
C ARG C 53 -10.95 13.99 22.58
N PHE C 54 -10.77 12.91 21.82
CA PHE C 54 -10.07 11.71 22.27
C PHE C 54 -8.94 11.42 21.30
N GLN C 55 -7.71 11.64 21.74
CA GLN C 55 -6.51 11.45 20.91
C GLN C 55 -6.70 12.08 19.53
N GLY C 56 -7.15 13.34 19.53
CA GLY C 56 -7.20 14.11 18.30
C GLY C 56 -8.44 13.95 17.44
N ARG C 57 -9.37 13.08 17.82
CA ARG C 57 -10.62 12.96 17.08
C ARG C 57 -11.77 13.61 17.83
N ALA C 58 -12.74 14.10 17.07
CA ALA C 58 -13.98 14.57 17.67
C ALA C 58 -14.69 13.36 18.26
N ALA C 59 -14.88 13.37 19.57
CA ALA C 59 -15.41 12.19 20.24
C ALA C 59 -16.63 12.58 21.06
N VAL C 60 -17.34 11.55 21.49
CA VAL C 60 -18.51 11.67 22.36
C VAL C 60 -18.39 10.59 23.42
N ILE C 61 -18.63 10.93 24.68
CA ILE C 61 -18.43 10.00 25.78
C ILE C 61 -19.75 9.77 26.49
N LYS C 62 -20.15 8.50 26.62
CA LYS C 62 -21.42 8.14 27.24
C LYS C 62 -21.16 7.43 28.56
N HIS C 63 -21.36 8.15 29.66
CA HIS C 63 -21.21 7.61 31.00
C HIS C 63 -22.54 7.08 31.48
N ARG C 64 -22.54 5.88 32.02
CA ARG C 64 -23.75 5.34 32.64
C ARG C 64 -23.53 5.39 34.15
N PHE C 65 -24.00 6.45 34.76
CA PHE C 65 -23.65 6.82 36.11
C PHE C 65 -24.48 6.07 37.14
N PRO C 66 -23.90 5.77 38.31
CA PRO C 66 -24.69 5.22 39.41
C PRO C 66 -25.39 6.32 40.17
N LYS C 67 -26.56 5.97 40.71
CA LYS C 67 -27.37 6.82 41.59
C LYS C 67 -27.43 6.17 42.96
N GLY C 68 -27.21 6.93 44.02
CA GLY C 68 -27.23 6.29 45.33
C GLY C 68 -28.53 5.61 45.75
N TYR C 69 -29.49 5.52 44.82
CA TYR C 69 -30.88 5.26 45.17
C TYR C 69 -31.25 3.78 45.25
N ARG C 70 -30.42 2.88 44.74
CA ARG C 70 -30.75 1.47 44.78
C ARG C 70 -29.53 0.66 45.13
N HIS C 71 -29.74 -0.64 45.19
CA HIS C 71 -28.76 -1.55 45.75
C HIS C 71 -27.57 -1.65 44.80
N PRO C 72 -26.33 -1.33 45.26
CA PRO C 72 -25.17 -1.28 44.34
C PRO C 72 -24.86 -2.58 43.60
N ALA C 73 -25.61 -3.64 43.90
CA ALA C 73 -25.51 -4.81 43.05
C ALA C 73 -26.29 -4.58 41.78
N LEU C 74 -27.48 -4.00 41.89
CA LEU C 74 -28.31 -3.80 40.72
C LEU C 74 -27.75 -2.72 39.80
N GLU C 75 -27.26 -1.61 40.37
CA GLU C 75 -26.78 -0.52 39.53
C GLU C 75 -25.51 -0.88 38.78
N ALA C 76 -24.65 -1.69 39.40
CA ALA C 76 -23.45 -2.15 38.71
C ALA C 76 -23.81 -2.99 37.49
N ARG C 77 -24.66 -4.00 37.67
CA ARG C 77 -24.98 -4.89 36.57
C ARG C 77 -25.72 -4.15 35.46
N LEU C 78 -26.48 -3.12 35.80
CA LEU C 78 -27.25 -2.40 34.79
C LEU C 78 -26.36 -1.49 33.96
N GLY C 79 -25.38 -0.85 34.58
CA GLY C 79 -24.44 -0.04 33.84
C GLY C 79 -23.56 -0.86 32.91
N ARG C 80 -23.05 -1.99 33.40
CA ARG C 80 -22.26 -2.82 32.50
C ARG C 80 -23.12 -3.38 31.40
N ARG C 81 -24.32 -3.88 31.73
CA ARG C 81 -25.16 -4.52 30.74
C ARG C 81 -25.48 -3.58 29.59
N ARG C 82 -25.89 -2.35 29.90
CA ARG C 82 -26.17 -1.38 28.85
C ARG C 82 -24.94 -1.11 28.02
N THR C 83 -23.79 -0.93 28.67
CA THR C 83 -22.57 -0.61 27.93
C THR C 83 -22.15 -1.78 27.04
N VAL C 84 -22.11 -2.99 27.59
CA VAL C 84 -21.70 -4.14 26.79
C VAL C 84 -22.61 -4.30 25.58
N GLN C 85 -23.91 -4.08 25.73
CA GLN C 85 -24.79 -4.27 24.59
C GLN C 85 -24.58 -3.19 23.53
N GLU C 86 -24.26 -1.96 23.97
CA GLU C 86 -24.04 -0.90 22.99
C GLU C 86 -22.77 -1.16 22.19
N ALA C 87 -21.68 -1.56 22.85
CA ALA C 87 -20.47 -1.88 22.12
C ALA C 87 -20.72 -2.96 21.09
N ARG C 88 -21.45 -4.02 21.47
CA ARG C 88 -21.66 -5.14 20.54
C ARG C 88 -22.53 -4.73 19.36
N ALA C 89 -23.47 -3.80 19.58
CA ALA C 89 -24.36 -3.33 18.52
C ALA C 89 -23.67 -2.37 17.57
N LEU C 90 -22.81 -1.49 18.10
CA LEU C 90 -22.15 -0.55 17.21
C LEU C 90 -21.15 -1.28 16.33
N LEU C 91 -20.53 -2.34 16.85
CA LEU C 91 -19.69 -3.19 16.02
C LEU C 91 -20.53 -3.92 14.99
N ARG C 92 -21.66 -4.49 15.42
CA ARG C 92 -22.50 -5.23 14.51
C ARG C 92 -22.98 -4.37 13.34
N CYS C 93 -23.09 -3.04 13.55
CA CYS C 93 -23.62 -2.18 12.51
C CYS C 93 -22.56 -1.83 11.49
N ARG C 94 -21.33 -1.57 11.93
CA ARG C 94 -20.27 -1.33 10.98
C ARG C 94 -19.93 -2.58 10.22
N ARG C 95 -19.84 -3.72 10.90
CA ARG C 95 -19.50 -4.89 10.09
C ARG C 95 -20.67 -5.28 9.17
N ALA C 96 -21.80 -4.52 9.22
CA ALA C 96 -23.00 -4.74 8.40
C ALA C 96 -23.35 -3.56 7.49
N GLY C 97 -22.57 -2.47 7.51
CA GLY C 97 -22.84 -1.32 6.67
C GLY C 97 -23.95 -0.41 7.15
N ILE C 98 -24.43 -0.59 8.38
CA ILE C 98 -25.40 0.31 8.99
C ILE C 98 -24.63 1.43 9.66
N SER C 99 -24.97 2.66 9.32
CA SER C 99 -24.17 3.78 9.78
C SER C 99 -24.52 4.05 11.23
N ALA C 100 -23.50 4.26 12.03
CA ALA C 100 -23.61 4.37 13.48
C ALA C 100 -22.24 4.76 14.02
N PRO C 101 -22.16 5.34 15.22
CA PRO C 101 -20.87 5.87 15.68
C PRO C 101 -19.82 4.76 15.79
N VAL C 102 -18.59 5.13 15.48
CA VAL C 102 -17.44 4.28 15.73
C VAL C 102 -17.11 4.33 17.21
N VAL C 103 -16.74 3.20 17.79
CA VAL C 103 -16.39 3.12 19.21
C VAL C 103 -14.88 3.19 19.34
N PHE C 104 -14.39 4.12 20.16
CA PHE C 104 -12.95 4.27 20.33
C PHE C 104 -12.44 3.49 21.53
N PHE C 105 -13.16 3.51 22.64
CA PHE C 105 -12.69 2.95 23.89
C PHE C 105 -13.93 2.67 24.72
N VAL C 106 -13.90 1.57 25.46
CA VAL C 106 -15.00 1.20 26.34
C VAL C 106 -14.40 0.94 27.72
N ASP C 107 -14.71 1.80 28.68
CA ASP C 107 -14.16 1.73 30.03
C ASP C 107 -15.16 0.93 30.87
N TYR C 108 -14.83 -0.32 31.19
CA TYR C 108 -15.77 -1.10 32.00
C TYR C 108 -15.56 -0.88 33.48
N ALA C 109 -14.62 -0.02 33.85
CA ALA C 109 -14.51 0.38 35.24
C ALA C 109 -15.56 1.41 35.59
N SER C 110 -15.80 2.35 34.68
CA SER C 110 -16.72 3.45 34.90
C SER C 110 -17.97 3.34 34.05
N ASN C 111 -18.10 2.29 33.24
CA ASN C 111 -19.21 2.17 32.29
C ASN C 111 -19.31 3.43 31.41
N CYS C 112 -18.18 3.84 30.85
CA CYS C 112 -18.15 4.91 29.87
C CYS C 112 -17.70 4.36 28.53
N LEU C 113 -18.17 5.01 27.47
CA LEU C 113 -18.08 4.45 26.13
C LEU C 113 -17.75 5.58 25.18
N TYR C 114 -16.52 5.59 24.67
CA TYR C 114 -15.99 6.70 23.89
C TYR C 114 -16.23 6.46 22.41
N MET C 115 -16.94 7.38 21.76
CA MET C 115 -17.34 7.17 20.38
C MET C 115 -17.00 8.36 19.50
N GLU C 116 -17.06 8.12 18.19
CA GLU C 116 -16.92 9.19 17.21
C GLU C 116 -18.12 10.14 17.27
N GLU C 117 -17.84 11.44 17.30
CA GLU C 117 -18.90 12.44 17.30
C GLU C 117 -19.52 12.55 15.91
N ILE C 118 -20.83 12.76 15.86
CA ILE C 118 -21.52 13.01 14.58
C ILE C 118 -21.57 14.53 14.40
N GLU C 119 -20.50 15.10 13.84
CA GLU C 119 -20.30 16.55 13.88
C GLU C 119 -21.29 17.30 13.00
N GLY C 120 -21.74 18.46 13.49
CA GLY C 120 -22.58 19.36 12.74
C GLY C 120 -23.91 18.77 12.32
N SER C 121 -24.42 17.79 13.06
CA SER C 121 -25.67 17.13 12.74
C SER C 121 -26.75 17.52 13.72
N VAL C 122 -28.00 17.25 13.34
CA VAL C 122 -29.16 17.53 14.16
C VAL C 122 -30.06 16.29 14.10
N THR C 123 -30.76 16.05 15.22
CA THR C 123 -31.61 14.88 15.32
C THR C 123 -32.75 14.97 14.31
N VAL C 124 -33.30 13.81 13.95
CA VAL C 124 -34.46 13.82 13.05
C VAL C 124 -35.63 14.52 13.73
N ARG C 125 -35.70 14.44 15.06
CA ARG C 125 -36.82 15.02 15.78
C ARG C 125 -36.85 16.54 15.64
N ASP C 126 -35.68 17.18 15.61
CA ASP C 126 -35.65 18.62 15.38
C ASP C 126 -35.55 18.97 13.91
N TYR C 127 -35.32 17.99 13.03
CA TYR C 127 -35.38 18.31 11.61
C TYR C 127 -36.83 18.41 11.13
N ILE C 128 -37.75 17.81 11.89
CA ILE C 128 -39.19 17.90 11.60
C ILE C 128 -39.98 18.63 12.67
N GLN C 129 -39.36 19.22 13.68
CA GLN C 129 -40.17 20.25 14.30
C GLN C 129 -39.59 21.63 14.05
N SER C 130 -38.67 21.70 13.08
CA SER C 130 -38.31 22.87 12.33
C SER C 130 -38.87 22.87 10.91
N THR C 131 -39.10 21.70 10.31
CA THR C 131 -39.74 21.65 8.98
C THR C 131 -41.26 21.74 9.12
N MET C 132 -41.78 21.63 10.36
CA MET C 132 -43.23 21.74 10.56
C MET C 132 -43.64 23.14 11.04
N GLU C 133 -42.69 24.10 11.00
CA GLU C 133 -42.98 25.51 10.79
C GLU C 133 -42.60 26.04 9.43
N THR C 134 -41.85 25.33 8.62
CA THR C 134 -41.54 26.03 7.39
C THR C 134 -42.47 25.63 6.26
N GLU C 135 -42.69 24.34 6.06
CA GLU C 135 -43.62 23.92 5.03
C GLU C 135 -45.09 24.02 5.46
N LYS C 136 -45.38 23.93 6.76
CA LYS C 136 -46.73 23.87 7.34
C LYS C 136 -47.44 22.59 6.94
N THR C 137 -46.73 21.64 6.30
CA THR C 137 -47.26 20.37 5.76
C THR C 137 -46.24 19.24 5.85
N PRO C 138 -46.68 18.01 6.11
CA PRO C 138 -45.77 16.85 6.05
C PRO C 138 -45.46 16.36 4.64
N GLN C 139 -45.99 17.03 3.61
CA GLN C 139 -45.75 16.59 2.24
C GLN C 139 -44.28 16.64 1.86
N GLY C 140 -43.48 17.44 2.56
CA GLY C 140 -42.07 17.52 2.25
C GLY C 140 -41.21 16.46 2.88
N LEU C 141 -41.80 15.57 3.68
CA LEU C 141 -41.04 14.59 4.43
C LEU C 141 -41.16 13.20 3.83
N SER C 142 -41.64 13.08 2.60
CA SER C 142 -41.78 11.73 2.09
C SER C 142 -40.42 11.15 1.73
N ASN C 143 -39.44 12.01 1.40
CA ASN C 143 -38.09 11.52 1.20
C ASN C 143 -37.48 11.05 2.51
N LEU C 144 -37.56 11.88 3.54
CA LEU C 144 -36.98 11.50 4.83
C LEU C 144 -37.64 10.25 5.40
N ALA C 145 -38.95 10.15 5.27
CA ALA C 145 -39.61 8.96 5.78
C ALA C 145 -39.08 7.72 5.08
N LYS C 146 -38.83 7.80 3.78
CA LYS C 146 -38.43 6.59 3.08
C LYS C 146 -37.00 6.20 3.39
N THR C 147 -36.11 7.18 3.64
CA THR C 147 -34.73 6.82 4.00
C THR C 147 -34.68 6.13 5.35
N ILE C 148 -35.50 6.56 6.31
CA ILE C 148 -35.57 5.81 7.56
C ILE C 148 -35.99 4.39 7.27
N GLY C 149 -36.97 4.23 6.37
CA GLY C 149 -37.40 2.91 5.98
C GLY C 149 -36.27 2.07 5.42
N GLN C 150 -35.35 2.70 4.69
CA GLN C 150 -34.23 1.96 4.11
C GLN C 150 -33.23 1.52 5.17
N VAL C 151 -32.89 2.40 6.11
CA VAL C 151 -31.83 2.02 7.05
C VAL C 151 -32.37 1.02 8.06
N LEU C 152 -33.59 1.21 8.55
CA LEU C 152 -34.15 0.27 9.49
C LEU C 152 -34.41 -1.11 8.88
N ALA C 153 -34.62 -1.21 7.56
CA ALA C 153 -34.80 -2.51 6.93
C ALA C 153 -33.51 -3.31 6.97
N ARG C 154 -32.42 -2.59 6.71
CA ARG C 154 -31.06 -3.03 6.69
C ARG C 154 -30.60 -3.40 8.08
N MET C 155 -31.05 -2.69 9.11
CA MET C 155 -30.76 -3.08 10.46
C MET C 155 -31.48 -4.36 10.84
N HIS C 156 -32.80 -4.39 10.65
CA HIS C 156 -33.58 -5.58 10.98
C HIS C 156 -33.15 -6.78 10.15
N ASP C 157 -32.65 -6.54 8.92
CA ASP C 157 -32.14 -7.62 8.09
C ASP C 157 -30.85 -8.22 8.63
N GLU C 158 -30.23 -7.60 9.64
CA GLU C 158 -29.11 -8.21 10.35
C GLU C 158 -29.55 -8.69 11.73
N ASP C 159 -30.84 -8.94 11.91
CA ASP C 159 -31.40 -9.48 13.16
C ASP C 159 -31.04 -8.62 14.37
N LEU C 160 -30.88 -7.31 14.17
CA LEU C 160 -30.51 -6.40 15.24
C LEU C 160 -31.73 -5.57 15.64
N ILE C 161 -32.23 -5.80 16.83
CA ILE C 161 -33.36 -5.05 17.36
C ILE C 161 -32.81 -3.84 18.09
N HIS C 162 -33.29 -2.64 17.75
CA HIS C 162 -32.70 -1.46 18.35
C HIS C 162 -33.08 -1.35 19.81
N GLY C 163 -34.35 -1.55 20.13
CA GLY C 163 -34.80 -1.57 21.50
C GLY C 163 -35.35 -0.27 22.01
N ASP C 164 -35.11 0.85 21.31
CA ASP C 164 -35.58 2.15 21.78
C ASP C 164 -35.58 3.18 20.64
N LEU C 165 -36.26 2.85 19.54
CA LEU C 165 -36.24 3.72 18.36
C LEU C 165 -37.11 4.93 18.62
N THR C 166 -36.52 6.12 18.65
CA THR C 166 -37.25 7.37 18.62
C THR C 166 -36.55 8.31 17.65
N THR C 167 -37.22 9.39 17.26
CA THR C 167 -36.63 10.29 16.28
C THR C 167 -35.52 11.15 16.86
N SER C 168 -35.12 10.90 18.10
CA SER C 168 -33.96 11.56 18.67
C SER C 168 -32.78 10.63 18.79
N ASN C 169 -32.97 9.35 18.51
CA ASN C 169 -31.86 8.44 18.33
C ASN C 169 -31.53 8.24 16.87
N MET C 170 -31.92 9.21 16.04
CA MET C 170 -31.54 9.23 14.63
C MET C 170 -30.85 10.55 14.32
N LEU C 171 -29.68 10.50 13.72
CA LEU C 171 -29.08 11.78 13.38
C LEU C 171 -28.98 11.91 11.87
N LEU C 172 -28.85 13.15 11.43
CA LEU C 172 -28.77 13.44 10.00
C LEU C 172 -27.44 14.17 9.75
N LYS C 173 -26.45 13.42 9.20
CA LYS C 173 -25.09 13.89 9.04
C LYS C 173 -24.97 14.79 7.81
N PRO C 174 -24.14 15.83 7.88
CA PRO C 174 -24.00 16.73 6.74
C PRO C 174 -23.41 16.00 5.55
N PRO C 175 -23.82 16.39 4.32
CA PRO C 175 -24.79 17.44 3.99
C PRO C 175 -26.21 17.06 4.38
N LEU C 176 -26.99 18.03 4.87
CA LEU C 176 -28.36 17.70 5.29
C LEU C 176 -29.23 17.33 4.10
N GLU C 177 -28.94 17.92 2.93
CA GLU C 177 -29.82 17.80 1.77
C GLU C 177 -29.99 16.34 1.39
N GLN C 178 -28.94 15.54 1.52
CA GLN C 178 -28.92 14.21 0.93
C GLN C 178 -29.49 13.17 1.88
N LEU C 179 -29.91 13.55 3.09
CA LEU C 179 -30.59 12.68 4.07
C LEU C 179 -29.70 11.52 4.52
N ASN C 180 -28.59 11.83 5.19
CA ASN C 180 -27.64 10.83 5.65
C ASN C 180 -27.88 10.52 7.13
N ILE C 181 -28.44 9.34 7.41
CA ILE C 181 -28.91 9.00 8.75
C ILE C 181 -27.85 8.21 9.51
N VAL C 182 -27.61 8.60 10.76
CA VAL C 182 -26.78 7.84 11.70
C VAL C 182 -27.65 7.46 12.89
N LEU C 183 -27.67 6.17 13.22
CA LEU C 183 -28.39 5.70 14.39
C LEU C 183 -27.51 5.79 15.62
N ILE C 184 -28.11 6.06 16.76
CA ILE C 184 -27.37 6.16 18.02
C ILE C 184 -28.17 5.58 19.18
N ASP C 185 -27.46 5.33 20.28
CA ASP C 185 -28.07 4.85 21.52
C ASP C 185 -28.63 3.44 21.37
N PHE C 186 -27.77 2.41 21.47
CA PHE C 186 -28.15 1.02 21.29
C PHE C 186 -28.12 0.21 22.58
N GLY C 187 -28.26 0.89 23.72
CA GLY C 187 -28.05 0.23 25.00
C GLY C 187 -29.02 -0.90 25.29
N LEU C 188 -30.23 -0.85 24.73
CA LEU C 188 -31.21 -1.91 24.92
C LEU C 188 -31.28 -2.85 23.72
N SER C 189 -30.30 -2.80 22.84
CA SER C 189 -30.38 -3.60 21.64
C SER C 189 -30.16 -5.08 21.98
N PHE C 190 -30.46 -5.93 21.01
CA PHE C 190 -30.29 -7.37 21.16
C PHE C 190 -30.51 -8.02 19.82
N ILE C 191 -29.97 -9.22 19.65
CA ILE C 191 -30.07 -9.92 18.37
C ILE C 191 -31.27 -10.87 18.42
N SER C 192 -32.11 -10.81 17.39
CA SER C 192 -33.21 -11.76 17.29
C SER C 192 -33.80 -11.69 15.89
N ALA C 193 -34.12 -12.87 15.33
CA ALA C 193 -34.76 -12.98 14.03
C ALA C 193 -36.27 -13.08 14.13
N LEU C 194 -36.82 -13.03 15.33
CA LEU C 194 -38.25 -13.18 15.53
C LEU C 194 -39.01 -12.00 14.93
N PRO C 195 -40.04 -12.24 14.12
CA PRO C 195 -40.80 -11.10 13.57
C PRO C 195 -41.50 -10.24 14.62
N GLU C 196 -42.04 -10.82 15.70
CA GLU C 196 -42.69 -9.99 16.70
C GLU C 196 -41.68 -9.09 17.40
N ASP C 197 -40.43 -9.52 17.51
CA ASP C 197 -39.43 -8.67 18.16
C ASP C 197 -39.11 -7.46 17.30
N LYS C 198 -39.03 -7.66 15.99
CA LYS C 198 -38.99 -6.53 15.06
C LYS C 198 -40.31 -5.80 15.04
N GLY C 199 -41.41 -6.51 15.28
CA GLY C 199 -42.71 -5.88 15.24
C GLY C 199 -42.86 -4.81 16.30
N VAL C 200 -42.53 -5.15 17.56
CA VAL C 200 -42.63 -4.14 18.60
C VAL C 200 -41.52 -3.12 18.48
N ASP C 201 -40.41 -3.46 17.80
CA ASP C 201 -39.37 -2.48 17.59
C ASP C 201 -39.89 -1.32 16.75
N LEU C 202 -40.70 -1.62 15.73
CA LEU C 202 -41.35 -0.58 14.96
C LEU C 202 -42.53 0.02 15.71
N TYR C 203 -43.13 -0.74 16.61
CA TYR C 203 -44.23 -0.19 17.39
C TYR C 203 -43.73 0.90 18.32
N VAL C 204 -42.59 0.70 18.97
CA VAL C 204 -42.10 1.75 19.86
C VAL C 204 -41.75 2.99 19.03
N LEU C 205 -41.25 2.80 17.82
CA LEU C 205 -41.04 3.98 16.98
C LEU C 205 -42.36 4.63 16.63
N GLU C 206 -43.41 3.82 16.39
CA GLU C 206 -44.69 4.43 16.04
C GLU C 206 -45.22 5.28 17.17
N LYS C 207 -45.11 4.79 18.41
CA LYS C 207 -45.57 5.59 19.53
C LYS C 207 -44.66 6.80 19.75
N ALA C 208 -43.39 6.71 19.32
CA ALA C 208 -42.48 7.85 19.41
C ALA C 208 -42.92 8.99 18.50
N PHE C 209 -43.42 8.66 17.31
CA PHE C 209 -44.00 9.68 16.43
C PHE C 209 -45.27 10.26 17.03
N LEU C 210 -46.18 9.40 17.48
CA LEU C 210 -47.45 9.87 18.02
C LEU C 210 -47.24 10.82 19.20
N SER C 211 -46.26 10.49 20.06
CA SER C 211 -46.08 11.18 21.32
C SER C 211 -45.38 12.51 21.16
N THR C 212 -44.31 12.56 20.39
CA THR C 212 -43.51 13.78 20.29
C THR C 212 -43.90 14.65 19.11
N HIS C 213 -44.37 14.03 18.04
CA HIS C 213 -44.58 14.72 16.77
C HIS C 213 -46.06 14.65 16.40
N PRO C 214 -46.88 15.62 16.85
CA PRO C 214 -48.28 15.66 16.40
C PRO C 214 -48.36 16.07 14.93
N ASN C 215 -49.46 15.69 14.29
CA ASN C 215 -49.79 15.89 12.86
C ASN C 215 -48.97 14.96 11.97
N THR C 216 -48.24 13.99 12.52
CA THR C 216 -47.28 13.21 11.77
C THR C 216 -47.71 11.80 11.42
N GLU C 217 -49.01 11.53 11.37
CA GLU C 217 -49.41 10.17 11.05
C GLU C 217 -49.04 9.83 9.60
N THR C 218 -49.14 10.80 8.69
CA THR C 218 -48.87 10.53 7.27
C THR C 218 -47.42 10.15 7.01
N VAL C 219 -46.49 10.58 7.88
CA VAL C 219 -45.08 10.25 7.66
C VAL C 219 -44.75 8.83 8.10
N PHE C 220 -45.62 8.17 8.86
CA PHE C 220 -45.25 6.82 9.30
C PHE C 220 -45.43 5.71 8.24
N GLU C 221 -45.89 6.00 7.01
CA GLU C 221 -46.02 4.98 5.97
C GLU C 221 -44.98 5.08 4.90
N ALA C 222 -44.81 6.29 4.39
CA ALA C 222 -43.73 6.55 3.50
C ALA C 222 -42.60 5.82 4.18
N PHE C 223 -42.57 5.82 5.52
CA PHE C 223 -41.72 4.90 6.26
C PHE C 223 -42.10 3.43 6.01
N LEU C 224 -43.32 3.05 6.41
CA LEU C 224 -43.65 1.62 6.46
C LEU C 224 -43.58 0.95 5.10
N LYS C 225 -44.18 1.57 4.06
CA LYS C 225 -44.16 0.92 2.76
C LYS C 225 -42.76 0.93 2.17
N SER C 226 -41.95 1.98 2.44
CA SER C 226 -40.56 1.94 2.04
C SER C 226 -39.83 0.80 2.72
N TYR C 227 -39.97 0.73 4.05
CA TYR C 227 -39.36 -0.36 4.81
C TYR C 227 -39.74 -1.72 4.24
N SER C 228 -41.02 -1.90 3.87
CA SER C 228 -41.50 -3.22 3.49
C SER C 228 -41.11 -3.60 2.08
N THR C 229 -40.75 -2.63 1.23
CA THR C 229 -40.14 -2.88 -0.06
C THR C 229 -38.63 -2.98 0.04
N SER C 230 -38.06 -2.69 1.21
CA SER C 230 -36.62 -2.76 1.39
C SER C 230 -36.19 -3.99 2.17
N SER C 231 -37.08 -4.67 2.87
CA SER C 231 -36.73 -5.89 3.57
C SER C 231 -37.44 -7.08 2.96
N LYS C 232 -36.66 -8.12 2.67
CA LYS C 232 -37.19 -9.32 2.03
C LYS C 232 -37.97 -10.17 3.01
N LYS C 233 -37.79 -9.94 4.32
CA LYS C 233 -38.52 -10.65 5.36
C LYS C 233 -39.56 -9.76 6.05
N ALA C 234 -40.06 -8.74 5.36
CA ALA C 234 -40.94 -7.78 5.99
C ALA C 234 -42.41 -8.22 6.01
N ARG C 235 -42.83 -9.23 5.20
CA ARG C 235 -44.26 -9.55 5.19
C ARG C 235 -44.68 -9.89 6.61
N PRO C 236 -44.00 -10.80 7.33
CA PRO C 236 -44.52 -11.19 8.65
C PRO C 236 -44.35 -10.17 9.76
N VAL C 237 -43.35 -9.28 9.72
CA VAL C 237 -43.24 -8.37 10.88
C VAL C 237 -44.37 -7.34 10.87
N LEU C 238 -44.84 -6.93 9.69
CA LEU C 238 -45.94 -5.97 9.66
C LEU C 238 -47.30 -6.63 9.79
N LYS C 239 -47.38 -7.96 9.70
CA LYS C 239 -48.54 -8.65 10.23
C LYS C 239 -48.43 -8.74 11.76
N LYS C 240 -47.19 -8.88 12.25
CA LYS C 240 -46.88 -8.91 13.68
C LYS C 240 -46.89 -7.53 14.30
N LEU C 241 -46.66 -6.45 13.52
CA LEU C 241 -46.80 -5.10 14.05
C LEU C 241 -48.25 -4.72 14.28
N ASP C 242 -49.11 -5.02 13.31
CA ASP C 242 -50.51 -4.69 13.46
C ASP C 242 -51.18 -5.60 14.47
N GLU C 243 -50.53 -6.69 14.85
CA GLU C 243 -51.07 -7.53 15.89
C GLU C 243 -50.73 -6.96 17.28
N VAL C 244 -49.60 -6.27 17.42
CA VAL C 244 -49.34 -5.56 18.67
C VAL C 244 -50.04 -4.22 18.66
N ARG C 245 -50.20 -3.58 17.50
CA ARG C 245 -50.99 -2.37 17.44
C ARG C 245 -52.40 -2.61 17.93
N LEU C 246 -52.96 -3.78 17.60
CA LEU C 246 -54.28 -4.14 18.07
C LEU C 246 -54.26 -4.56 19.53
N ARG C 247 -53.17 -5.14 20.00
CA ARG C 247 -53.14 -5.58 21.38
C ARG C 247 -52.72 -4.46 22.31
N GLY C 248 -51.71 -3.69 21.92
CA GLY C 248 -51.18 -2.65 22.76
C GLY C 248 -49.87 -3.01 23.43
N ARG C 249 -49.54 -4.30 23.45
CA ARG C 249 -48.35 -4.80 24.12
C ARG C 249 -47.83 -5.95 23.28
N LYS C 250 -46.84 -6.67 23.81
CA LYS C 250 -46.22 -7.74 23.04
C LYS C 250 -46.92 -9.08 23.25
N ARG C 251 -46.11 -10.15 23.31
CA ARG C 251 -46.53 -11.55 23.52
C ARG C 251 -47.87 -11.90 22.92
N HIS D 3 13.38 11.96 9.68
CA HIS D 3 13.94 11.81 11.02
C HIS D 3 13.16 12.58 12.07
N MET D 4 11.85 12.38 12.18
CA MET D 4 11.08 13.09 13.22
C MET D 4 10.15 12.15 13.97
N GLN D 5 10.16 12.31 15.29
CA GLN D 5 9.30 11.61 16.23
C GLN D 5 7.89 12.18 16.17
N LEU D 6 6.96 11.44 16.77
CA LEU D 6 5.58 11.87 16.96
C LEU D 6 5.22 11.59 18.41
N THR D 7 4.94 12.63 19.17
CA THR D 7 4.56 12.44 20.55
C THR D 7 3.15 12.95 20.75
N HIS D 8 2.37 12.15 21.46
CA HIS D 8 0.98 12.44 21.78
C HIS D 8 0.78 12.03 23.23
N GLN D 9 -0.05 12.78 23.94
CA GLN D 9 -0.46 12.46 25.30
C GLN D 9 -1.82 11.77 25.38
N LEU D 10 -1.83 10.72 26.18
CA LEU D 10 -3.04 9.94 26.42
C LEU D 10 -4.01 10.81 27.20
N ASP D 11 -5.21 10.97 26.66
CA ASP D 11 -6.10 11.97 27.21
C ASP D 11 -6.61 11.59 28.59
N LEU D 12 -6.77 10.29 28.86
CA LEU D 12 -7.22 9.86 30.17
C LEU D 12 -6.08 9.60 31.12
N PHE D 13 -4.88 9.34 30.60
CA PHE D 13 -3.69 9.11 31.41
C PHE D 13 -2.71 10.22 31.08
N PRO D 14 -3.04 11.45 31.47
CA PRO D 14 -2.16 12.56 31.11
C PRO D 14 -0.84 12.53 31.84
N GLU D 15 -0.57 11.58 32.74
CA GLU D 15 0.82 11.52 33.18
C GLU D 15 1.71 10.88 32.12
N CYS D 16 1.15 10.02 31.25
CA CYS D 16 1.90 9.28 30.23
C CYS D 16 1.87 9.96 28.87
N ARG D 17 2.70 9.45 27.97
CA ARG D 17 2.93 10.04 26.65
C ARG D 17 3.50 8.95 25.76
N VAL D 18 3.11 8.97 24.48
CA VAL D 18 3.47 7.95 23.50
C VAL D 18 4.44 8.55 22.51
N THR D 19 5.54 7.85 22.27
CA THR D 19 6.52 8.27 21.27
C THR D 19 6.57 7.22 20.17
N LEU D 20 6.50 7.69 18.92
CA LEU D 20 6.48 6.82 17.74
C LEU D 20 7.73 7.11 16.92
N LEU D 21 8.53 6.07 16.70
CA LEU D 21 9.72 6.15 15.87
C LEU D 21 9.62 5.09 14.78
N LEU D 22 9.85 5.51 13.53
CA LEU D 22 9.74 4.62 12.39
C LEU D 22 11.09 4.59 11.69
N PHE D 23 11.54 3.40 11.33
CA PHE D 23 12.83 3.23 10.69
C PHE D 23 12.66 2.50 9.38
N LYS D 24 13.47 2.86 8.40
CA LYS D 24 13.49 2.20 7.10
C LYS D 24 14.84 1.54 6.91
N ASP D 25 14.86 0.53 6.04
CA ASP D 25 16.08 -0.20 5.69
C ASP D 25 16.80 -0.70 6.94
N VAL D 26 16.09 -1.52 7.71
CA VAL D 26 16.63 -2.14 8.91
C VAL D 26 17.32 -3.43 8.50
N LYS D 27 18.50 -3.68 9.08
CA LYS D 27 19.27 -4.88 8.77
C LYS D 27 19.41 -5.84 9.95
N ASN D 28 19.21 -5.38 11.19
CA ASN D 28 19.30 -6.23 12.37
C ASN D 28 17.95 -6.41 13.03
N ALA D 29 16.91 -6.68 12.22
CA ALA D 29 15.57 -6.85 12.78
C ALA D 29 15.49 -8.06 13.70
N GLY D 30 16.17 -9.16 13.34
CA GLY D 30 16.14 -10.34 14.19
C GLY D 30 16.79 -10.11 15.54
N ASP D 31 17.96 -9.45 15.55
CA ASP D 31 18.58 -9.10 16.81
C ASP D 31 17.67 -8.19 17.61
N LEU D 32 17.01 -7.24 16.95
CA LEU D 32 16.09 -6.34 17.65
C LEU D 32 14.93 -7.09 18.29
N ARG D 33 14.40 -8.10 17.61
CA ARG D 33 13.29 -8.85 18.19
C ARG D 33 13.78 -9.72 19.35
N ARG D 34 14.96 -10.33 19.20
CA ARG D 34 15.51 -11.13 20.28
C ARG D 34 15.74 -10.30 21.53
N LYS D 35 16.23 -9.07 21.38
CA LYS D 35 16.47 -8.25 22.55
C LYS D 35 15.17 -7.81 23.20
N ALA D 36 14.11 -7.69 22.40
CA ALA D 36 12.79 -7.39 22.96
C ALA D 36 12.24 -8.55 23.76
N MET D 37 12.33 -9.77 23.22
CA MET D 37 11.88 -10.91 24.00
C MET D 37 12.74 -11.07 25.26
N GLU D 38 14.00 -10.62 25.20
CA GLU D 38 14.92 -10.67 26.33
C GLU D 38 14.80 -9.47 27.26
N GLY D 39 14.11 -8.41 26.86
CA GLY D 39 13.89 -7.27 27.73
C GLY D 39 14.97 -6.22 27.71
N THR D 40 16.14 -6.51 27.11
CA THR D 40 17.17 -5.51 26.92
C THR D 40 16.60 -4.20 26.40
N ILE D 41 15.93 -4.26 25.26
CA ILE D 41 15.42 -3.06 24.59
C ILE D 41 14.01 -2.78 25.08
N ASP D 42 13.67 -1.50 25.13
CA ASP D 42 12.39 -1.05 25.64
C ASP D 42 11.42 -0.71 24.50
N GLY D 43 10.12 -0.96 24.75
CA GLY D 43 9.07 -0.55 23.83
C GLY D 43 8.50 -1.69 23.03
N SER D 44 7.62 -1.31 22.11
CA SER D 44 6.96 -2.25 21.20
C SER D 44 7.54 -2.09 19.80
N LEU D 45 7.94 -3.20 19.21
CA LEU D 45 8.45 -3.22 17.84
C LEU D 45 7.34 -3.76 16.95
N ILE D 46 6.77 -2.87 16.14
CA ILE D 46 5.52 -3.10 15.43
C ILE D 46 5.80 -3.12 13.93
N ASN D 47 5.10 -4.00 13.22
CA ASN D 47 5.13 -4.05 11.77
C ASN D 47 4.42 -2.83 11.21
N PRO D 48 5.13 -1.87 10.60
CA PRO D 48 4.45 -0.65 10.14
C PRO D 48 3.64 -0.85 8.89
N THR D 49 3.87 -1.93 8.13
CA THR D 49 3.11 -2.17 6.90
C THR D 49 1.62 -2.32 7.18
N VAL D 50 1.26 -2.63 8.42
CA VAL D 50 -0.12 -2.93 8.76
C VAL D 50 -0.69 -1.86 9.70
N ILE D 51 -0.03 -0.72 9.77
CA ILE D 51 -0.53 0.43 10.53
C ILE D 51 -0.98 1.48 9.51
N VAL D 52 -2.25 1.87 9.58
CA VAL D 52 -2.80 2.82 8.61
C VAL D 52 -2.77 4.25 9.10
N ASP D 53 -2.53 4.49 10.40
CA ASP D 53 -2.55 5.84 10.95
C ASP D 53 -2.05 5.83 12.39
N PRO D 54 -1.39 6.88 12.86
CA PRO D 54 -1.00 6.92 14.27
C PRO D 54 -2.17 6.72 15.22
N PHE D 55 -3.36 7.18 14.84
CA PHE D 55 -4.54 6.96 15.68
C PHE D 55 -4.73 5.50 15.99
N GLN D 56 -4.40 4.61 15.05
CA GLN D 56 -4.50 3.18 15.30
C GLN D 56 -3.58 2.79 16.45
N ILE D 57 -2.39 3.38 16.49
CA ILE D 57 -1.47 3.07 17.59
C ILE D 57 -1.99 3.65 18.89
N LEU D 58 -2.59 4.84 18.84
CA LEU D 58 -2.98 5.54 20.05
C LEU D 58 -4.11 4.82 20.78
N VAL D 59 -5.09 4.32 20.04
CA VAL D 59 -6.17 3.55 20.65
C VAL D 59 -5.60 2.31 21.36
N ALA D 60 -4.67 1.61 20.70
CA ALA D 60 -4.04 0.45 21.32
C ALA D 60 -3.29 0.83 22.60
N ALA D 61 -2.53 1.93 22.55
CA ALA D 61 -1.79 2.37 23.73
C ALA D 61 -2.73 2.68 24.89
N ASN D 62 -3.84 3.37 24.61
CA ASN D 62 -4.71 3.83 25.69
C ASN D 62 -5.33 2.67 26.44
N LYS D 63 -5.94 1.73 25.72
CA LYS D 63 -6.53 0.56 26.36
C LYS D 63 -5.46 -0.31 27.02
N ALA D 64 -4.23 -0.25 26.51
CA ALA D 64 -3.15 -1.00 27.15
C ALA D 64 -2.81 -0.40 28.51
N VAL D 65 -2.61 0.92 28.57
CA VAL D 65 -2.37 1.57 29.85
C VAL D 65 -3.54 1.34 30.79
N HIS D 66 -4.77 1.35 30.24
CA HIS D 66 -5.94 1.20 31.10
C HIS D 66 -5.91 -0.11 31.85
N LEU D 67 -5.74 -1.22 31.13
CA LEU D 67 -5.72 -2.52 31.79
C LEU D 67 -4.42 -2.75 32.56
N TYR D 68 -3.33 -2.08 32.18
CA TYR D 68 -2.11 -2.17 32.99
C TYR D 68 -2.37 -1.71 34.41
N LYS D 69 -2.99 -0.53 34.55
CA LYS D 69 -3.21 0.03 35.87
C LYS D 69 -4.31 -0.70 36.64
N LEU D 70 -5.14 -1.49 35.98
CA LEU D 70 -6.15 -2.29 36.67
C LEU D 70 -5.63 -3.70 36.99
N GLY D 71 -4.40 -4.01 36.59
CA GLY D 71 -3.88 -5.34 36.80
C GLY D 71 -4.61 -6.40 36.01
N LYS D 72 -5.39 -6.00 35.01
CA LYS D 72 -6.18 -6.99 34.29
C LYS D 72 -5.77 -7.06 32.83
N MET D 73 -4.46 -6.95 32.58
CA MET D 73 -3.95 -7.17 31.23
C MET D 73 -4.16 -8.62 30.82
N LYS D 74 -4.11 -8.85 29.50
CA LYS D 74 -4.20 -10.19 28.94
C LYS D 74 -2.84 -10.78 28.62
N THR D 75 -1.84 -9.94 28.35
CA THR D 75 -0.52 -10.43 28.11
C THR D 75 0.39 -10.09 29.29
N ARG D 76 1.69 -10.09 29.04
CA ARG D 76 2.61 -10.11 30.15
C ARG D 76 3.28 -8.74 30.29
N THR D 77 4.01 -8.24 29.29
CA THR D 77 4.51 -6.86 29.36
C THR D 77 3.46 -5.88 28.86
N LEU D 78 3.58 -4.62 29.31
CA LEU D 78 2.84 -3.54 28.67
C LEU D 78 3.17 -3.43 27.19
N SER D 79 4.46 -3.61 26.81
CA SER D 79 4.87 -3.49 25.42
C SER D 79 4.33 -4.62 24.59
N THR D 80 3.87 -5.70 25.20
CA THR D 80 3.20 -6.74 24.43
C THR D 80 1.70 -6.53 24.42
N GLU D 81 1.16 -5.86 25.43
CA GLU D 81 -0.26 -5.53 25.41
C GLU D 81 -0.57 -4.49 24.32
N ILE D 82 0.34 -3.55 24.04
CA ILE D 82 0.11 -2.62 22.94
C ILE D 82 -0.02 -3.38 21.62
N ILE D 83 0.92 -4.27 21.34
CA ILE D 83 0.88 -5.01 20.09
C ILE D 83 -0.40 -5.84 20.03
N PHE D 84 -0.68 -6.58 21.10
CA PHE D 84 -1.88 -7.41 21.13
C PHE D 84 -3.14 -6.59 20.88
N ASN D 85 -3.25 -5.41 21.48
CA ASN D 85 -4.46 -4.61 21.32
C ASN D 85 -4.71 -4.15 19.88
N LEU D 86 -3.79 -4.46 18.96
CA LEU D 86 -4.00 -4.13 17.55
C LEU D 86 -4.71 -5.24 16.77
N SER D 87 -4.58 -6.49 17.23
CA SER D 87 -5.20 -7.60 16.52
C SER D 87 -6.72 -7.58 16.72
N PRO D 88 -7.50 -7.89 15.69
CA PRO D 88 -8.95 -8.02 15.86
C PRO D 88 -9.35 -9.33 16.49
N ASN D 89 -8.42 -10.27 16.65
CA ASN D 89 -8.65 -11.54 17.29
C ASN D 89 -8.22 -11.49 18.75
N ASN D 90 -8.46 -12.57 19.47
CA ASN D 90 -7.95 -12.68 20.82
C ASN D 90 -6.86 -13.72 20.90
N ASN D 91 -6.36 -14.22 19.77
CA ASN D 91 -5.20 -15.11 19.76
C ASN D 91 -3.95 -14.31 20.06
N ILE D 92 -3.40 -14.49 21.27
CA ILE D 92 -2.26 -13.69 21.67
C ILE D 92 -1.08 -13.93 20.76
N SER D 93 -0.81 -15.19 20.43
CA SER D 93 0.41 -15.44 19.69
C SER D 93 0.28 -15.08 18.21
N GLU D 94 -0.90 -15.28 17.60
CA GLU D 94 -1.10 -14.77 16.25
C GLU D 94 -0.99 -13.26 16.24
N ALA D 95 -1.47 -12.61 17.29
CA ALA D 95 -1.38 -11.16 17.36
C ALA D 95 0.07 -10.74 17.40
N LEU D 96 0.91 -11.51 18.08
CA LEU D 96 2.29 -11.07 18.23
C LEU D 96 3.15 -11.48 17.05
N LYS D 97 2.73 -12.46 16.26
CA LYS D 97 3.44 -12.68 15.01
C LYS D 97 3.06 -11.62 13.98
N LYS D 98 1.74 -11.41 13.78
CA LYS D 98 1.27 -10.60 12.66
C LYS D 98 1.48 -9.11 12.88
N PHE D 99 1.49 -8.64 14.13
CA PHE D 99 1.71 -7.22 14.39
C PHE D 99 3.07 -6.91 15.01
N GLY D 100 3.84 -7.94 15.39
CA GLY D 100 5.21 -7.75 15.81
C GLY D 100 6.12 -7.64 14.62
N ILE D 101 7.42 -7.84 14.85
CA ILE D 101 8.41 -7.75 13.79
C ILE D 101 9.03 -9.12 13.57
N SER D 102 9.51 -9.36 12.34
CA SER D 102 10.08 -10.65 11.97
C SER D 102 11.53 -10.49 11.49
N ALA D 103 12.16 -11.63 11.25
CA ALA D 103 13.62 -11.68 11.14
C ALA D 103 14.13 -10.94 9.91
N ASN D 104 13.38 -10.92 8.82
CA ASN D 104 13.83 -10.29 7.58
C ASN D 104 12.98 -9.08 7.21
N ASP D 105 12.59 -8.28 8.21
CA ASP D 105 11.83 -7.07 7.95
C ASP D 105 12.76 -5.89 7.70
N THR D 106 12.30 -4.96 6.86
CA THR D 106 13.10 -3.83 6.42
C THR D 106 12.63 -2.51 7.00
N SER D 107 11.42 -2.46 7.51
CA SER D 107 10.92 -1.28 8.20
C SER D 107 10.19 -1.75 9.44
N ILE D 108 10.51 -1.15 10.59
CA ILE D 108 9.86 -1.48 11.84
C ILE D 108 9.57 -0.20 12.61
N LEU D 109 8.48 -0.22 13.37
CA LEU D 109 7.99 0.94 14.09
C LEU D 109 8.08 0.71 15.60
N ILE D 110 8.63 1.69 16.31
CA ILE D 110 8.87 1.57 17.74
C ILE D 110 7.90 2.49 18.47
N VAL D 111 7.17 1.93 19.43
CA VAL D 111 6.21 2.65 20.26
C VAL D 111 6.59 2.46 21.72
N TYR D 112 6.64 3.57 22.47
CA TYR D 112 6.93 3.49 23.89
C TYR D 112 6.24 4.62 24.66
N ILE D 113 5.85 4.29 25.89
CA ILE D 113 5.10 5.15 26.80
C ILE D 113 6.03 5.63 27.90
N GLU D 114 6.01 6.94 28.19
CA GLU D 114 6.72 7.47 29.35
C GLU D 114 5.74 8.05 30.36
N GLU D 115 5.87 7.64 31.63
CA GLU D 115 5.05 8.16 32.72
C GLU D 115 5.96 8.56 33.88
N GLY D 116 6.04 9.86 34.16
CA GLY D 116 6.78 10.31 35.33
C GLY D 116 8.26 10.02 35.22
N GLU D 117 8.84 9.48 36.29
CA GLU D 117 10.29 9.24 36.33
C GLU D 117 10.72 8.20 35.29
N LYS D 118 9.85 7.25 34.94
CA LYS D 118 10.22 6.27 33.93
C LYS D 118 10.38 6.97 32.59
N GLN D 119 11.62 7.11 32.12
CA GLN D 119 11.86 7.77 30.85
C GLN D 119 12.63 6.86 29.91
N ILE D 120 12.70 7.26 28.64
CA ILE D 120 13.46 6.44 27.70
C ILE D 120 14.57 7.21 27.01
N ASN D 121 15.67 6.48 26.86
CA ASN D 121 16.86 6.96 26.20
C ASN D 121 16.62 6.73 24.72
N GLN D 122 16.13 7.77 24.03
CA GLN D 122 15.63 7.59 22.68
C GLN D 122 16.75 7.19 21.73
N GLU D 123 17.98 7.61 21.99
CA GLU D 123 19.09 7.14 21.16
C GLU D 123 20.12 6.31 21.91
N TYR D 124 19.78 5.79 23.08
CA TYR D 124 20.31 4.45 23.25
C TYR D 124 19.48 3.50 22.41
N LEU D 125 18.22 3.91 22.15
CA LEU D 125 17.25 3.08 21.43
C LEU D 125 17.48 3.08 19.92
N ILE D 126 17.65 4.26 19.31
CA ILE D 126 17.86 4.32 17.85
C ILE D 126 19.15 3.59 17.46
N SER D 127 20.23 3.79 18.24
CA SER D 127 21.53 3.19 17.95
C SER D 127 21.48 1.68 17.90
N GLN D 128 20.49 1.04 18.52
CA GLN D 128 20.41 -0.41 18.38
C GLN D 128 19.82 -0.79 17.04
N VAL D 129 19.32 0.18 16.28
CA VAL D 129 18.68 -0.04 14.99
C VAL D 129 19.65 0.37 13.88
N GLU D 130 20.07 -0.59 13.05
CA GLU D 130 20.80 -0.25 11.82
C GLU D 130 19.76 0.05 10.75
N GLY D 131 19.27 1.27 10.77
CA GLY D 131 18.22 1.70 9.87
C GLY D 131 18.18 3.21 9.82
N HIS D 132 17.38 3.71 8.90
CA HIS D 132 17.27 5.15 8.66
C HIS D 132 15.96 5.64 9.27
N GLN D 133 16.06 6.37 10.38
CA GLN D 133 14.89 6.99 11.01
C GLN D 133 14.26 7.99 10.03
N VAL D 134 13.04 7.70 9.57
CA VAL D 134 12.33 8.56 8.63
C VAL D 134 11.16 9.22 9.36
N SER D 135 10.53 10.18 8.70
CA SER D 135 9.40 10.87 9.29
C SER D 135 8.17 9.98 9.32
N LEU D 136 7.30 10.25 10.29
CA LEU D 136 6.01 9.58 10.33
C LEU D 136 5.12 10.02 9.16
N LYS D 137 5.46 11.14 8.52
CA LYS D 137 4.90 11.45 7.20
C LYS D 137 5.14 10.36 6.19
N ASN D 138 6.18 9.55 6.35
CA ASN D 138 6.40 8.57 5.30
C ASN D 138 5.61 7.29 5.47
N LEU D 139 4.76 7.17 6.48
CA LEU D 139 4.12 5.87 6.71
C LEU D 139 3.11 5.45 5.64
N PRO D 140 2.40 6.37 4.97
CA PRO D 140 1.46 5.93 3.92
C PRO D 140 2.07 5.09 2.81
N GLU D 141 3.33 5.33 2.43
CA GLU D 141 4.00 4.49 1.45
C GLU D 141 4.64 3.26 2.09
N ILE D 142 4.55 3.11 3.40
CA ILE D 142 5.04 1.93 4.11
C ILE D 142 3.93 0.92 4.38
N MET D 143 2.73 1.43 4.66
CA MET D 143 1.60 0.59 5.00
C MET D 143 1.07 -0.11 3.74
N ASN D 144 0.77 -1.40 3.85
CA ASN D 144 0.21 -2.17 2.74
C ASN D 144 -1.24 -2.49 3.06
N ILE D 145 -2.14 -1.79 2.37
CA ILE D 145 -3.55 -1.92 2.71
C ILE D 145 -4.07 -3.28 2.32
N THR D 146 -3.57 -3.85 1.21
CA THR D 146 -4.36 -4.94 0.64
C THR D 146 -4.68 -5.99 1.68
N GLU D 147 -3.72 -6.40 2.51
CA GLU D 147 -4.20 -7.30 3.54
C GLU D 147 -4.06 -6.76 4.96
N VAL D 148 -3.79 -5.47 5.11
CA VAL D 148 -4.44 -4.78 6.19
C VAL D 148 -5.92 -5.13 6.13
N LYS D 149 -6.46 -5.22 4.92
CA LYS D 149 -7.84 -5.64 4.74
C LYS D 149 -8.08 -7.12 5.12
N LYS D 150 -7.10 -8.01 4.96
CA LYS D 150 -7.33 -9.44 5.23
C LYS D 150 -7.37 -9.74 6.71
N ILE D 151 -6.31 -9.30 7.37
CA ILE D 151 -6.12 -9.77 8.72
C ILE D 151 -7.14 -9.12 9.62
N TYR D 152 -7.76 -8.04 9.14
CA TYR D 152 -8.91 -7.45 9.78
C TYR D 152 -10.23 -7.85 9.13
N LYS D 153 -10.18 -8.40 7.90
CA LYS D 153 -11.32 -8.88 7.08
C LYS D 153 -12.33 -7.77 6.85
N LEU D 154 -11.87 -6.60 6.42
CA LEU D 154 -12.82 -5.55 6.10
C LEU D 154 -13.58 -5.90 4.82
N SER D 155 -14.87 -5.53 4.73
CA SER D 155 -15.70 -5.76 3.55
C SER D 155 -16.12 -4.40 3.00
N SER D 156 -16.43 -4.26 1.71
CA SER D 156 -16.61 -2.85 1.38
C SER D 156 -17.92 -2.33 1.94
N GLN D 157 -18.80 -3.24 2.39
CA GLN D 157 -20.00 -2.82 3.09
C GLN D 157 -19.63 -1.93 4.26
N GLU D 158 -18.50 -2.22 4.91
CA GLU D 158 -17.94 -1.35 5.94
C GLU D 158 -17.28 -0.14 5.31
N GLU D 159 -16.69 -0.30 4.12
CA GLU D 159 -16.03 0.80 3.44
C GLU D 159 -17.03 1.79 2.85
N SER D 160 -18.29 1.38 2.69
CA SER D 160 -19.30 2.29 2.13
C SER D 160 -19.79 3.34 3.12
N ILE D 161 -19.60 3.15 4.42
CA ILE D 161 -20.12 4.07 5.42
C ILE D 161 -19.02 4.67 6.29
N GLY D 162 -17.76 4.56 5.86
CA GLY D 162 -16.70 5.17 6.64
C GLY D 162 -15.32 4.76 6.19
N THR D 163 -14.34 5.30 6.93
CA THR D 163 -12.92 5.02 6.79
C THR D 163 -12.62 3.53 6.84
N LEU D 164 -11.45 3.12 6.38
CA LEU D 164 -10.94 1.81 6.75
C LEU D 164 -10.25 1.86 8.11
N LEU D 165 -9.83 3.04 8.56
CA LEU D 165 -9.33 3.20 9.91
C LEU D 165 -10.48 3.08 10.91
N ASP D 166 -11.63 3.64 10.57
CA ASP D 166 -12.75 3.56 11.48
C ASP D 166 -13.14 2.12 11.75
N ALA D 167 -13.18 1.30 10.69
CA ALA D 167 -13.53 -0.10 10.88
C ALA D 167 -12.48 -0.86 11.66
N ILE D 168 -11.23 -0.43 11.57
CA ILE D 168 -10.18 -1.06 12.37
C ILE D 168 -10.33 -0.66 13.82
N ILE D 169 -10.43 0.66 14.08
CA ILE D 169 -10.58 1.17 15.45
C ILE D 169 -11.77 0.53 16.14
N CYS D 170 -12.82 0.27 15.41
CA CYS D 170 -14.09 -0.14 15.97
C CYS D 170 -14.17 -1.65 16.07
N ARG D 171 -13.13 -2.35 15.62
CA ARG D 171 -12.98 -3.76 15.95
C ARG D 171 -11.96 -4.00 17.05
N MET D 172 -10.89 -3.21 17.08
CA MET D 172 -9.98 -3.19 18.22
C MET D 172 -10.73 -2.94 19.52
N SER D 173 -11.59 -1.94 19.53
CA SER D 173 -12.13 -1.45 20.81
C SER D 173 -13.27 -2.27 21.33
N THR D 174 -13.74 -3.27 20.58
CA THR D 174 -14.83 -4.12 21.01
C THR D 174 -14.45 -5.58 21.18
N LYS D 175 -13.22 -5.95 20.88
CA LYS D 175 -12.95 -7.39 20.88
C LYS D 175 -13.02 -7.99 22.28
N ASP D 176 -12.95 -7.18 23.35
CA ASP D 176 -13.08 -7.77 24.67
C ASP D 176 -14.49 -8.21 25.00
N VAL D 177 -15.47 -7.99 24.12
CA VAL D 177 -16.79 -8.57 24.32
C VAL D 177 -17.19 -9.46 23.15
N LEU D 178 -16.21 -9.94 22.38
CA LEU D 178 -16.42 -10.84 21.24
C LEU D 178 -17.36 -10.23 20.19
C4 DVO E . 25.89 5.83 -20.52
C14 DVO E . 25.06 11.31 -15.84
C5 DVO E . 25.34 4.54 -20.51
C6 DVO E . 25.99 3.50 -21.36
C11 DVO E . 23.30 10.58 -18.02
C7 DVO E . 24.23 4.25 -19.70
C8 DVO E . 23.65 5.23 -18.91
C9 DVO E . 25.64 8.22 -19.55
C10 DVO E . 24.71 10.07 -18.00
C12 DVO E . 25.52 11.13 -18.77
C13 DVO E . 25.26 9.99 -16.58
N1 DVO E . 24.67 8.76 -18.68
N2 DVO E . 22.88 11.37 -16.96
C3 DVO E . 25.28 6.79 -19.74
C1 DVO E . 23.81 7.74 -18.21
C15 DVO E . 23.67 11.83 -15.92
C2 DVO E . 24.19 6.50 -18.94
O1 DVO E . 22.96 7.89 -17.38
O2 DVO E . 26.99 3.84 -22.03
O3 DVO E . 25.52 2.35 -21.33
O4 DVO E . 22.55 10.33 -18.93
O5 DVO E . 23.21 12.63 -15.13
O6 DVO E . 26.57 8.81 -20.04
C4 DVO F . -25.45 10.88 20.92
C14 DVO F . -24.59 16.88 17.00
C5 DVO F . -24.95 9.60 20.72
C6 DVO F . -25.59 8.44 21.45
C11 DVO F . -22.71 15.87 18.98
C7 DVO F . -23.85 9.39 19.89
C8 DVO F . -23.24 10.45 19.21
C9 DVO F . -25.13 13.38 20.27
C10 DVO F . -24.15 15.40 18.99
C12 DVO F . -24.84 16.39 19.94
C13 DVO F . -24.81 15.50 17.60
N1 DVO F . -24.16 13.99 19.46
N2 DVO F . -22.34 16.74 17.97
C3 DVO F . -24.84 11.92 20.25
C1 DVO F . -23.34 13.02 18.85
C15 DVO F . -23.16 17.33 17.03
C2 DVO F . -23.75 11.71 19.41
O1 DVO F . -22.47 13.24 18.02
O2 DVO F . -25.18 7.29 21.18
O3 DVO F . -26.52 8.69 22.25
O4 DVO F . -21.92 15.49 19.82
O5 DVO F . -22.73 18.17 16.28
O6 DVO F . -26.04 13.95 20.83
#